data_5MFR
#
_entry.id   5MFR
#
_cell.length_a   120.755
_cell.length_b   120.755
_cell.length_c   170.695
_cell.angle_alpha   90.000
_cell.angle_beta   90.000
_cell.angle_gamma   120.000
#
_symmetry.space_group_name_H-M   'P 31 2 1'
#
loop_
_entity.id
_entity.type
_entity.pdbx_description
1 polymer 'Aminopeptidase N'
2 non-polymer 'ZINC ION'
3 non-polymer [(7~{S})-6,6-bis(oxidanyl)-5,7,8,9-tetrahydrobenzo[7]annulen-7-yl]azanium
4 non-polymer GLYCEROL
5 non-polymer 'SODIUM ION'
6 non-polymer 'MALONATE ION'
7 non-polymer 'DIMETHYL SULFOXIDE'
8 non-polymer 'CHLORIDE ION'
9 water water
#
_entity_poly.entity_id   1
_entity_poly.type   'polypeptide(L)'
_entity_poly.pdbx_seq_one_letter_code
;MGSSHHHHHHSSGENLYFQGHMTQQPQAKYRHDYRAPDYQITDIDLTFDLDAQKTVVTAVSQAVRHGASDAPLRLNGEDL
KLVSVHINDEPWTAWKEEEGALVISNLPERFTLKIINEISPAANTALEGLYQSGDALCTQCEAEGFRHITYYLDRPDVLA
RFTTKIIADKIKYPFLLSNGNRVAQGELENGRHWVQWQDPFPKPCYLFALVAGDFDVLRDTFTTRSGREVALELYVDRGN
LDRAPWAMTSLKNSMKWDEERFGLEYDLDIYMIVAVDFFNMGAMENKGLNIFNSKYVLARTDTATDKDYLDIERVIGHEY
FHNWTGNRVTCRDWFQLSLKEGLTVFRDQEFSSDLGSRAVNRINNVRTMRGLQFAEDASPMAHPIRPDMVIEMNNFYTLT
VYEKGAEVIRMIHTLLGEENFQKGMQLYFERHDGSAATCDDFVQAMEDASNVDLSHFRRWYSQSGTPIVTVKDDYNPETE
QYTLTISQRTPATPDQAEKQPLHIPFAIELYDNEGKVIPLQKGGHPVNSVLNVTQAEQTFVFDNVYFQPVPALLCEFSAP
VKLEYKWSDQQLTFLMRHARNDFSRWDAAQSLLATYIKLNVARHQQGQPLSLPVHVADAFRAVLLDEKIDPALAAEILTL
PSVNEMAELFDIIDPIAIAEVREALTRTLATELADELLAIYNANYQSEYRVEHEDIAKRTLRNACLRFLAFGETHLADVL
VSKQFHEANNMTDALAALSAAVAAQLPCRDALMQEYDDKWHQNGLVMDKWFILQATSPAANVLETVRGLLQHRSFTMSNP
NRIRSLIGAFAGSNPAAFHAEDGSGYLFLVEMLTDLNSRNPQVASRLIEPLIRLKRYDAKRQEKMRAALEQLKGLENLSG
DLYEKITKALA
;
_entity_poly.pdbx_strand_id   A
#
loop_
_chem_comp.id
_chem_comp.type
_chem_comp.name
_chem_comp.formula
7MK non-polymer [(7~{S})-6,6-bis(oxidanyl)-5,7,8,9-tetrahydrobenzo[7]annulen-7-yl]azanium 'C11 H16 N O2 1'
CL non-polymer 'CHLORIDE ION' 'Cl -1'
DMS non-polymer 'DIMETHYL SULFOXIDE' 'C2 H6 O S'
GOL non-polymer GLYCEROL 'C3 H8 O3'
MLI non-polymer 'MALONATE ION' 'C3 H2 O4 -2'
NA non-polymer 'SODIUM ION' 'Na 1'
ZN non-polymer 'ZINC ION' 'Zn 2'
#
# COMPACT_ATOMS: atom_id res chain seq x y z
N GLN A 24 -28.26 -9.71 -12.66
N GLN A 24 -28.59 -9.37 -12.07
CA GLN A 24 -28.01 -10.10 -11.28
CA GLN A 24 -28.43 -10.80 -11.75
C GLN A 24 -26.53 -9.91 -10.93
C GLN A 24 -27.81 -10.98 -10.37
N GLN A 25 -26.26 -9.51 -9.69
N GLN A 25 -27.05 -9.98 -9.92
CA GLN A 25 -24.90 -9.31 -9.26
CA GLN A 25 -26.47 -9.91 -8.58
C GLN A 25 -24.17 -10.65 -9.16
C GLN A 25 -25.28 -10.86 -8.44
N PRO A 26 -22.85 -10.63 -9.32
N PRO A 26 -24.06 -10.34 -8.32
CA PRO A 26 -22.09 -11.89 -9.23
CA PRO A 26 -22.88 -11.19 -8.43
C PRO A 26 -22.16 -12.46 -7.83
C PRO A 26 -22.72 -12.11 -7.24
N GLN A 27 -22.00 -13.77 -7.76
N GLN A 27 -22.20 -13.31 -7.51
CA GLN A 27 -22.06 -14.45 -6.48
CA GLN A 27 -22.03 -14.34 -6.50
C GLN A 27 -20.65 -14.50 -5.89
C GLN A 27 -20.65 -14.22 -5.87
N ALA A 28 -20.59 -14.52 -4.58
CA ALA A 28 -19.32 -14.70 -3.92
C ALA A 28 -18.64 -16.01 -4.34
N LYS A 29 -17.33 -15.95 -4.39
CA LYS A 29 -16.47 -17.11 -4.58
CA LYS A 29 -16.48 -17.12 -4.58
CA LYS A 29 -16.48 -17.12 -4.58
C LYS A 29 -15.74 -17.39 -3.28
N TYR A 30 -15.46 -18.66 -3.03
CA TYR A 30 -14.91 -19.11 -1.75
C TYR A 30 -13.59 -19.85 -1.93
N ARG A 31 -12.64 -19.55 -1.04
CA ARG A 31 -11.34 -20.19 -1.07
C ARG A 31 -11.48 -21.72 -0.97
N HIS A 32 -12.41 -22.20 -0.15
CA HIS A 32 -12.55 -23.64 0.03
C HIS A 32 -13.06 -24.36 -1.21
N ASP A 33 -13.50 -23.65 -2.25
CA ASP A 33 -13.97 -24.26 -3.48
C ASP A 33 -12.87 -24.44 -4.52
N TYR A 34 -11.61 -24.13 -4.19
CA TYR A 34 -10.54 -24.27 -5.18
C TYR A 34 -10.51 -25.68 -5.74
N ARG A 35 -10.45 -25.76 -7.06
CA ARG A 35 -10.31 -27.03 -7.78
CA ARG A 35 -10.25 -27.03 -7.74
C ARG A 35 -9.32 -26.82 -8.93
N ALA A 36 -8.42 -27.78 -9.12
CA ALA A 36 -7.48 -27.71 -10.22
C ALA A 36 -8.24 -27.59 -11.55
N PRO A 37 -7.66 -26.90 -12.53
CA PRO A 37 -8.37 -26.67 -13.79
C PRO A 37 -8.56 -27.95 -14.59
N ASP A 38 -9.71 -28.04 -15.25
CA ASP A 38 -9.96 -29.17 -16.12
C ASP A 38 -9.06 -29.17 -17.35
N TYR A 39 -8.63 -27.99 -17.78
CA TYR A 39 -7.74 -27.85 -18.92
C TYR A 39 -6.62 -26.90 -18.57
N GLN A 40 -5.45 -27.18 -19.11
CA GLN A 40 -4.32 -26.26 -19.10
C GLN A 40 -4.08 -25.74 -20.50
N ILE A 41 -3.47 -24.56 -20.57
CA ILE A 41 -2.92 -24.02 -21.80
C ILE A 41 -1.43 -23.86 -21.56
N THR A 42 -0.62 -24.50 -22.42
CA THR A 42 0.82 -24.52 -22.24
C THR A 42 1.54 -23.44 -23.03
N ASP A 43 0.94 -22.98 -24.12
CA ASP A 43 1.55 -22.05 -25.04
C ASP A 43 0.43 -21.27 -25.70
N ILE A 44 0.64 -19.97 -25.87
CA ILE A 44 -0.33 -19.12 -26.56
C ILE A 44 0.43 -18.17 -27.47
N ASP A 45 -0.02 -18.10 -28.72
CA ASP A 45 0.49 -17.19 -29.74
CA ASP A 45 0.50 -17.18 -29.73
C ASP A 45 -0.58 -16.16 -30.01
N LEU A 46 -0.31 -14.91 -29.67
CA LEU A 46 -1.26 -13.82 -29.83
C LEU A 46 -0.83 -12.95 -30.99
N THR A 47 -1.82 -12.46 -31.73
CA THR A 47 -1.63 -11.40 -32.71
C THR A 47 -2.64 -10.31 -32.43
N PHE A 48 -2.15 -9.08 -32.34
CA PHE A 48 -2.99 -7.90 -32.19
C PHE A 48 -2.88 -7.07 -33.46
N ASP A 49 -4.00 -6.85 -34.14
CA ASP A 49 -4.07 -5.84 -35.19
C ASP A 49 -4.66 -4.62 -34.51
N LEU A 50 -3.78 -3.70 -34.09
CA LEU A 50 -4.13 -2.67 -33.13
C LEU A 50 -4.81 -1.48 -33.77
N ASP A 51 -5.82 -1.00 -33.07
CA ASP A 51 -6.43 0.28 -33.35
C ASP A 51 -7.18 0.73 -32.11
N ALA A 52 -7.21 2.05 -31.92
CA ALA A 52 -7.92 2.58 -30.75
C ALA A 52 -9.41 2.30 -30.83
N GLN A 53 -10.03 2.46 -32.01
CA GLN A 53 -11.46 2.20 -32.09
C GLN A 53 -11.76 0.70 -32.16
N LYS A 54 -10.95 -0.04 -32.89
CA LYS A 54 -11.13 -1.48 -33.07
C LYS A 54 -9.78 -2.16 -33.09
N THR A 55 -9.59 -3.14 -32.20
CA THR A 55 -8.43 -4.02 -32.21
C THR A 55 -8.93 -5.43 -32.44
N VAL A 56 -8.27 -6.15 -33.34
CA VAL A 56 -8.61 -7.54 -33.64
C VAL A 56 -7.54 -8.42 -33.00
N VAL A 57 -7.98 -9.36 -32.19
CA VAL A 57 -7.09 -10.26 -31.46
C VAL A 57 -7.26 -11.65 -32.03
N THR A 58 -6.14 -12.28 -32.38
CA THR A 58 -6.11 -13.68 -32.77
C THR A 58 -5.26 -14.41 -31.74
N ALA A 59 -5.83 -15.45 -31.12
CA ALA A 59 -5.17 -16.17 -30.04
C ALA A 59 -5.16 -17.65 -30.38
N VAL A 60 -3.97 -18.22 -30.51
CA VAL A 60 -3.79 -19.62 -30.84
C VAL A 60 -3.16 -20.29 -29.62
N SER A 61 -3.94 -21.12 -28.94
CA SER A 61 -3.54 -21.72 -27.67
C SER A 61 -3.39 -23.23 -27.82
N GLN A 62 -2.35 -23.78 -27.21
CA GLN A 62 -2.14 -25.23 -27.17
C GLN A 62 -2.67 -25.71 -25.82
N ALA A 63 -3.72 -26.53 -25.86
CA ALA A 63 -4.46 -26.92 -24.67
C ALA A 63 -4.30 -28.41 -24.41
N VAL A 64 -4.39 -28.76 -23.13
CA VAL A 64 -4.27 -30.13 -22.66
C VAL A 64 -5.34 -30.35 -21.61
N ARG A 65 -6.13 -31.41 -21.78
CA ARG A 65 -7.11 -31.75 -20.78
C ARG A 65 -6.46 -32.52 -19.64
N HIS A 66 -6.79 -32.11 -18.43
CA HIS A 66 -6.40 -32.77 -17.18
CA HIS A 66 -6.40 -32.84 -17.23
C HIS A 66 -7.58 -33.41 -16.47
N GLY A 67 -8.78 -32.88 -16.67
CA GLY A 67 -9.96 -33.35 -15.99
C GLY A 67 -10.66 -34.44 -16.76
N ALA A 68 -11.93 -34.62 -16.44
CA ALA A 68 -12.71 -35.71 -17.02
C ALA A 68 -12.86 -35.51 -18.52
N SER A 69 -12.92 -36.64 -19.24
CA SER A 69 -12.94 -36.58 -20.69
CA SER A 69 -12.95 -36.59 -20.69
C SER A 69 -14.17 -35.85 -21.22
N ASP A 70 -15.26 -35.82 -20.44
CA ASP A 70 -16.49 -35.14 -20.87
C ASP A 70 -16.60 -33.70 -20.37
N ALA A 71 -15.57 -33.17 -19.72
CA ALA A 71 -15.67 -31.81 -19.20
C ALA A 71 -15.51 -30.80 -20.33
N PRO A 72 -16.34 -29.76 -20.38
CA PRO A 72 -16.14 -28.71 -21.39
C PRO A 72 -15.03 -27.79 -20.94
N LEU A 73 -14.48 -27.10 -21.92
CA LEU A 73 -13.52 -26.02 -21.69
C LEU A 73 -14.34 -24.75 -21.45
N ARG A 74 -14.13 -24.12 -20.30
CA ARG A 74 -14.85 -22.91 -19.92
CA ARG A 74 -14.85 -22.92 -19.90
C ARG A 74 -13.87 -21.75 -19.92
N LEU A 75 -13.99 -20.89 -20.92
CA LEU A 75 -13.11 -19.74 -21.06
C LEU A 75 -13.81 -18.51 -20.52
N ASN A 76 -13.06 -17.67 -19.82
CA ASN A 76 -13.58 -16.39 -19.34
C ASN A 76 -13.46 -15.33 -20.43
N GLY A 77 -14.47 -14.47 -20.53
CA GLY A 77 -14.38 -13.35 -21.44
C GLY A 77 -15.37 -12.28 -21.07
N GLU A 78 -14.98 -11.02 -21.22
CA GLU A 78 -15.81 -9.88 -20.92
C GLU A 78 -15.76 -8.85 -22.05
N ASP A 79 -16.93 -8.47 -22.56
CA ASP A 79 -17.00 -7.39 -23.54
CA ASP A 79 -17.05 -7.42 -23.57
CA ASP A 79 -17.06 -7.41 -23.57
C ASP A 79 -16.17 -7.69 -24.78
N LEU A 80 -16.25 -8.92 -25.27
CA LEU A 80 -15.57 -9.34 -26.48
C LEU A 80 -16.59 -9.55 -27.59
N LYS A 81 -16.20 -9.22 -28.81
CA LYS A 81 -16.98 -9.54 -30.00
C LYS A 81 -16.33 -10.75 -30.65
N LEU A 82 -16.96 -11.91 -30.50
CA LEU A 82 -16.40 -13.15 -31.03
C LEU A 82 -16.56 -13.19 -32.54
N VAL A 83 -15.46 -13.47 -33.23
CA VAL A 83 -15.45 -13.61 -34.69
C VAL A 83 -15.43 -15.06 -35.10
N SER A 84 -14.55 -15.87 -34.50
CA SER A 84 -14.50 -17.28 -34.85
C SER A 84 -13.85 -18.13 -33.78
N VAL A 85 -14.22 -19.41 -33.81
N VAL A 85 -14.15 -19.42 -33.85
CA VAL A 85 -13.69 -20.44 -32.94
CA VAL A 85 -13.61 -20.40 -32.90
C VAL A 85 -13.29 -21.62 -33.81
C VAL A 85 -13.29 -21.66 -33.69
N HIS A 86 -12.01 -22.02 -33.74
CA HIS A 86 -11.53 -23.22 -34.42
CA HIS A 86 -11.55 -23.21 -34.42
C HIS A 86 -10.83 -24.12 -33.43
N ILE A 87 -10.97 -25.42 -33.66
CA ILE A 87 -10.24 -26.46 -32.91
C ILE A 87 -9.46 -27.26 -33.96
N ASN A 88 -8.13 -27.25 -33.87
CA ASN A 88 -7.28 -27.89 -34.87
C ASN A 88 -7.66 -27.43 -36.28
N ASP A 89 -7.94 -26.12 -36.42
CA ASP A 89 -8.30 -25.46 -37.68
C ASP A 89 -9.67 -25.83 -38.21
N GLU A 90 -10.47 -26.53 -37.43
CA GLU A 90 -11.83 -26.88 -37.83
C GLU A 90 -12.78 -25.87 -37.20
N PRO A 91 -13.56 -25.13 -37.98
CA PRO A 91 -14.59 -24.27 -37.36
C PRO A 91 -15.48 -25.09 -36.47
N TRP A 92 -15.60 -24.66 -35.22
CA TRP A 92 -16.25 -25.47 -34.19
C TRP A 92 -17.73 -25.10 -34.09
N THR A 93 -18.56 -26.13 -33.92
CA THR A 93 -20.00 -25.92 -33.73
C THR A 93 -20.45 -26.19 -32.30
N ALA A 94 -19.67 -26.94 -31.51
CA ALA A 94 -20.08 -27.34 -30.18
C ALA A 94 -19.58 -26.34 -29.13
N TRP A 95 -20.17 -25.15 -29.19
CA TRP A 95 -19.85 -24.09 -28.25
C TRP A 95 -21.06 -23.21 -27.99
N LYS A 96 -21.03 -22.50 -26.86
CA LYS A 96 -22.05 -21.51 -26.53
CA LYS A 96 -22.04 -21.51 -26.54
C LYS A 96 -21.39 -20.39 -25.73
N GLU A 97 -21.85 -19.17 -25.97
CA GLU A 97 -21.50 -18.05 -25.12
C GLU A 97 -22.54 -17.90 -24.03
N GLU A 98 -22.07 -17.65 -22.82
CA GLU A 98 -22.91 -17.39 -21.67
CA GLU A 98 -22.95 -17.35 -21.71
C GLU A 98 -22.35 -16.17 -20.96
N GLU A 99 -23.03 -15.73 -19.91
CA GLU A 99 -22.54 -14.56 -19.18
C GLU A 99 -21.10 -14.76 -18.74
N GLY A 100 -20.22 -13.89 -19.23
CA GLY A 100 -18.83 -13.93 -18.86
C GLY A 100 -18.02 -15.09 -19.40
N ALA A 101 -18.53 -15.87 -20.35
CA ALA A 101 -17.86 -17.11 -20.69
C ALA A 101 -18.13 -17.58 -22.11
N LEU A 102 -17.21 -18.39 -22.60
CA LEU A 102 -17.36 -19.17 -23.81
C LEU A 102 -17.12 -20.63 -23.41
N VAL A 103 -18.10 -21.48 -23.63
CA VAL A 103 -18.10 -22.85 -23.16
C VAL A 103 -18.00 -23.76 -24.39
N ILE A 104 -16.91 -24.51 -24.48
CA ILE A 104 -16.59 -25.31 -25.65
C ILE A 104 -16.64 -26.79 -25.27
N SER A 105 -17.49 -27.54 -25.97
CA SER A 105 -17.72 -28.94 -25.66
C SER A 105 -17.04 -29.89 -26.64
N ASN A 106 -16.94 -31.16 -26.18
CA ASN A 106 -16.63 -32.30 -27.04
C ASN A 106 -15.23 -32.22 -27.64
N LEU A 107 -14.25 -31.95 -26.78
CA LEU A 107 -12.89 -31.69 -27.22
C LEU A 107 -12.00 -32.93 -27.11
N PRO A 108 -10.97 -33.01 -27.95
CA PRO A 108 -9.94 -34.01 -27.74
C PRO A 108 -9.11 -33.70 -26.49
N GLU A 109 -8.24 -34.65 -26.12
CA GLU A 109 -7.40 -34.48 -24.95
CA GLU A 109 -7.41 -34.48 -24.94
C GLU A 109 -6.33 -33.41 -25.15
N ARG A 110 -5.83 -33.26 -26.36
CA ARG A 110 -4.86 -32.22 -26.69
CA ARG A 110 -4.86 -32.22 -26.69
C ARG A 110 -5.28 -31.60 -28.01
N PHE A 111 -5.20 -30.28 -28.11
CA PHE A 111 -5.70 -29.62 -29.31
C PHE A 111 -5.19 -28.18 -29.35
N THR A 112 -5.32 -27.60 -30.54
CA THR A 112 -5.03 -26.20 -30.78
C THR A 112 -6.35 -25.43 -30.86
N LEU A 113 -6.51 -24.46 -29.99
CA LEU A 113 -7.66 -23.57 -29.98
C LEU A 113 -7.29 -22.28 -30.67
N LYS A 114 -8.08 -21.85 -31.63
CA LYS A 114 -7.89 -20.54 -32.24
CA LYS A 114 -7.91 -20.54 -32.25
C LYS A 114 -9.17 -19.71 -32.06
N ILE A 115 -9.02 -18.57 -31.43
CA ILE A 115 -10.09 -17.61 -31.18
CA ILE A 115 -10.11 -17.63 -31.27
C ILE A 115 -9.70 -16.32 -31.91
N ILE A 116 -10.64 -15.74 -32.65
CA ILE A 116 -10.52 -14.38 -33.15
C ILE A 116 -11.66 -13.58 -32.54
N ASN A 117 -11.32 -12.41 -31.98
CA ASN A 117 -12.32 -11.55 -31.38
C ASN A 117 -11.88 -10.10 -31.53
N GLU A 118 -12.84 -9.19 -31.34
CA GLU A 118 -12.58 -7.76 -31.44
C GLU A 118 -12.87 -7.10 -30.10
N ILE A 119 -12.09 -6.05 -29.83
CA ILE A 119 -12.23 -5.19 -28.66
C ILE A 119 -12.06 -3.73 -29.08
N SER A 120 -12.40 -2.81 -28.17
CA SER A 120 -12.40 -1.38 -28.49
CA SER A 120 -12.43 -1.38 -28.47
C SER A 120 -11.68 -0.62 -27.39
N PRO A 121 -10.38 -0.39 -27.54
CA PRO A 121 -9.63 0.29 -26.48
C PRO A 121 -10.16 1.66 -26.13
N ALA A 122 -10.58 2.44 -27.14
CA ALA A 122 -11.05 3.80 -26.88
C ALA A 122 -12.30 3.84 -26.02
N ALA A 123 -13.08 2.77 -25.99
CA ALA A 123 -14.30 2.71 -25.17
C ALA A 123 -14.02 2.26 -23.74
N ASN A 124 -12.79 1.89 -23.42
CA ASN A 124 -12.45 1.28 -22.14
C ASN A 124 -12.09 2.38 -21.13
N THR A 125 -13.09 2.92 -20.46
CA THR A 125 -12.87 3.92 -19.42
C THR A 125 -12.53 3.31 -18.08
N ALA A 126 -12.77 2.00 -17.90
CA ALA A 126 -12.47 1.32 -16.66
C ALA A 126 -10.98 1.04 -16.49
N LEU A 127 -10.21 1.14 -17.57
CA LEU A 127 -8.75 1.00 -17.54
C LEU A 127 -8.35 -0.40 -17.08
N GLU A 128 -9.10 -1.39 -17.58
CA GLU A 128 -8.93 -2.81 -17.25
CA GLU A 128 -8.81 -2.79 -17.28
C GLU A 128 -8.94 -3.56 -18.59
N GLY A 129 -7.88 -4.28 -18.92
CA GLY A 129 -7.72 -4.84 -20.24
C GLY A 129 -6.82 -3.96 -21.09
N LEU A 130 -7.14 -3.83 -22.37
CA LEU A 130 -6.40 -2.96 -23.30
C LEU A 130 -7.15 -1.64 -23.43
N TYR A 131 -6.45 -0.55 -23.15
CA TYR A 131 -7.12 0.75 -23.11
C TYR A 131 -6.16 1.82 -23.63
N GLN A 132 -6.68 3.04 -23.70
CA GLN A 132 -5.90 4.17 -24.16
CA GLN A 132 -5.91 4.19 -24.16
C GLN A 132 -5.45 5.03 -22.98
N SER A 133 -4.18 5.42 -22.98
CA SER A 133 -3.64 6.37 -22.02
C SER A 133 -3.07 7.51 -22.85
N GLY A 134 -3.80 8.61 -22.95
CA GLY A 134 -3.40 9.65 -23.89
C GLY A 134 -3.48 9.11 -25.30
N ASP A 135 -2.37 9.20 -26.04
CA ASP A 135 -2.30 8.62 -27.37
C ASP A 135 -1.75 7.21 -27.40
N ALA A 136 -1.27 6.69 -26.27
CA ALA A 136 -0.72 5.36 -26.21
C ALA A 136 -1.82 4.34 -25.95
N LEU A 137 -1.55 3.11 -26.33
CA LEU A 137 -2.36 1.97 -25.92
C LEU A 137 -1.55 1.14 -24.93
N CYS A 138 -2.20 0.69 -23.88
CA CYS A 138 -1.50 -0.09 -22.84
C CYS A 138 -2.50 -1.01 -22.17
N THR A 139 -1.97 -1.92 -21.36
CA THR A 139 -2.79 -2.93 -20.70
C THR A 139 -2.67 -2.85 -19.18
N GLN A 140 -3.72 -3.33 -18.53
CA GLN A 140 -3.66 -3.76 -17.14
C GLN A 140 -4.47 -5.05 -17.04
N CYS A 141 -3.79 -6.13 -16.66
CA CYS A 141 -4.43 -7.44 -16.62
C CYS A 141 -4.62 -8.01 -15.24
N GLU A 142 -3.95 -7.51 -14.21
CA GLU A 142 -4.20 -8.03 -12.87
C GLU A 142 -5.41 -7.27 -12.28
N ALA A 143 -6.36 -7.98 -11.66
CA ALA A 143 -6.41 -9.44 -11.48
C ALA A 143 -6.97 -10.22 -12.65
N GLU A 144 -8.06 -9.73 -13.23
CA GLU A 144 -8.85 -10.48 -14.20
C GLU A 144 -9.12 -9.63 -15.45
N GLY A 145 -8.10 -8.93 -15.92
CA GLY A 145 -8.23 -8.07 -17.08
C GLY A 145 -7.94 -8.75 -18.41
N PHE A 146 -7.18 -9.86 -18.42
CA PHE A 146 -6.87 -10.47 -19.69
C PHE A 146 -8.14 -10.98 -20.39
N ARG A 147 -9.15 -11.39 -19.61
CA ARG A 147 -10.41 -11.83 -20.20
C ARG A 147 -11.15 -10.72 -20.92
N HIS A 148 -10.74 -9.45 -20.73
CA HIS A 148 -11.26 -8.34 -21.52
C HIS A 148 -10.52 -8.17 -22.83
N ILE A 149 -9.50 -8.99 -23.08
CA ILE A 149 -8.73 -8.98 -24.32
C ILE A 149 -9.10 -10.16 -25.22
N THR A 150 -9.19 -11.36 -24.65
CA THR A 150 -9.60 -12.53 -25.40
C THR A 150 -10.23 -13.55 -24.45
N TYR A 151 -10.89 -14.56 -25.02
CA TYR A 151 -11.44 -15.65 -24.21
C TYR A 151 -10.31 -16.55 -23.74
N TYR A 152 -10.18 -16.73 -22.43
CA TYR A 152 -8.97 -17.41 -21.93
C TYR A 152 -9.25 -18.03 -20.58
N LEU A 153 -8.32 -18.88 -20.12
CA LEU A 153 -8.33 -19.42 -18.75
C LEU A 153 -7.67 -18.38 -17.86
N ASP A 154 -8.47 -17.41 -17.45
CA ASP A 154 -7.98 -16.21 -16.76
C ASP A 154 -8.00 -16.49 -15.25
N ARG A 155 -7.04 -17.34 -14.87
CA ARG A 155 -6.85 -17.85 -13.51
C ARG A 155 -5.35 -18.12 -13.37
N PRO A 156 -4.76 -17.79 -12.21
CA PRO A 156 -3.29 -17.67 -12.15
C PRO A 156 -2.55 -18.99 -12.00
N ASP A 157 -3.27 -20.11 -11.89
CA ASP A 157 -2.66 -21.43 -11.90
C ASP A 157 -2.54 -22.03 -13.30
N VAL A 158 -2.93 -21.28 -14.34
CA VAL A 158 -2.72 -21.68 -15.72
C VAL A 158 -1.53 -20.86 -16.20
N LEU A 159 -0.43 -21.57 -16.50
CA LEU A 159 0.85 -20.95 -16.82
CA LEU A 159 0.85 -20.93 -16.83
C LEU A 159 1.23 -21.33 -18.24
N ALA A 160 1.33 -20.33 -19.11
CA ALA A 160 1.56 -20.57 -20.53
C ALA A 160 2.75 -19.75 -21.01
N ARG A 161 3.41 -20.26 -22.04
CA ARG A 161 4.47 -19.54 -22.74
C ARG A 161 3.85 -18.68 -23.84
N PHE A 162 4.05 -17.37 -23.75
CA PHE A 162 3.44 -16.39 -24.64
C PHE A 162 4.41 -15.97 -25.75
N THR A 163 3.86 -15.88 -26.95
CA THR A 163 4.48 -15.18 -28.06
CA THR A 163 4.50 -15.11 -28.02
C THR A 163 3.46 -14.15 -28.54
N THR A 164 3.88 -12.90 -28.73
CA THR A 164 2.95 -11.82 -29.00
C THR A 164 3.40 -11.02 -30.22
N LYS A 165 2.58 -11.03 -31.25
CA LYS A 165 2.82 -10.22 -32.44
CA LYS A 165 2.81 -10.23 -32.45
C LYS A 165 1.88 -9.03 -32.42
N ILE A 166 2.44 -7.85 -32.66
CA ILE A 166 1.69 -6.60 -32.59
C ILE A 166 1.84 -5.92 -33.95
N ILE A 167 0.71 -5.56 -34.56
CA ILE A 167 0.66 -4.90 -35.86
C ILE A 167 -0.02 -3.56 -35.65
N ALA A 168 0.58 -2.48 -36.17
CA ALA A 168 -0.01 -1.17 -35.92
C ALA A 168 0.51 -0.15 -36.92
N ASP A 169 -0.18 0.99 -36.98
CA ASP A 169 0.29 2.14 -37.75
C ASP A 169 1.64 2.60 -37.20
N LYS A 170 2.62 2.76 -38.10
CA LYS A 170 3.98 3.04 -37.66
C LYS A 170 4.14 4.46 -37.14
N ILE A 171 3.46 5.43 -37.77
CA ILE A 171 3.57 6.81 -37.34
C ILE A 171 2.95 6.99 -35.96
N LYS A 172 1.76 6.44 -35.75
CA LYS A 172 1.10 6.61 -34.46
CA LYS A 172 1.07 6.59 -34.46
C LYS A 172 1.73 5.76 -33.37
N TYR A 173 2.22 4.57 -33.71
CA TYR A 173 2.69 3.61 -32.73
C TYR A 173 4.06 3.10 -33.14
N PRO A 174 5.10 3.92 -33.03
CA PRO A 174 6.42 3.47 -33.47
C PRO A 174 7.04 2.45 -32.55
N PHE A 175 6.66 2.42 -31.27
CA PHE A 175 7.13 1.43 -30.31
C PHE A 175 6.02 0.45 -30.01
N LEU A 176 6.28 -0.83 -30.25
CA LEU A 176 5.33 -1.91 -30.01
C LEU A 176 6.01 -2.89 -29.07
N LEU A 177 5.55 -2.94 -27.82
CA LEU A 177 6.22 -3.66 -26.75
C LEU A 177 5.32 -4.74 -26.17
N SER A 178 5.92 -5.88 -25.86
CA SER A 178 5.27 -6.89 -25.02
C SER A 178 6.35 -7.58 -24.18
N ASN A 179 5.96 -8.58 -23.40
CA ASN A 179 6.91 -9.23 -22.50
C ASN A 179 7.99 -9.98 -23.27
N GLY A 180 9.22 -9.95 -22.75
CA GLY A 180 10.28 -10.80 -23.22
C GLY A 180 11.22 -10.13 -24.20
N ASN A 181 11.60 -10.86 -25.24
CA ASN A 181 12.57 -10.45 -26.24
C ASN A 181 11.94 -10.32 -27.60
N ARG A 182 12.46 -9.41 -28.42
CA ARG A 182 12.03 -9.28 -29.80
C ARG A 182 12.59 -10.44 -30.61
N VAL A 183 11.71 -11.18 -31.27
CA VAL A 183 12.12 -12.32 -32.07
C VAL A 183 11.85 -12.14 -33.55
N ALA A 184 11.04 -11.15 -33.93
CA ALA A 184 10.74 -10.95 -35.33
C ALA A 184 10.18 -9.53 -35.49
N GLN A 185 10.29 -9.01 -36.69
CA GLN A 185 9.76 -7.68 -36.99
C GLN A 185 9.62 -7.54 -38.49
N GLY A 186 8.70 -6.69 -38.90
CA GLY A 186 8.51 -6.49 -40.32
C GLY A 186 7.74 -5.22 -40.59
N GLU A 187 7.69 -4.88 -41.88
CA GLU A 187 6.90 -3.76 -42.35
C GLU A 187 5.89 -4.25 -43.36
N LEU A 188 4.77 -3.54 -43.41
CA LEU A 188 3.62 -3.90 -44.22
C LEU A 188 3.22 -2.71 -45.09
N GLU A 189 2.29 -2.96 -45.98
CA GLU A 189 1.75 -1.88 -46.78
CA GLU A 189 1.75 -1.88 -46.79
C GLU A 189 0.91 -0.94 -45.93
N ASN A 190 0.61 0.21 -46.52
CA ASN A 190 -0.26 1.21 -45.93
C ASN A 190 0.27 1.72 -44.60
N GLY A 191 1.58 1.79 -44.46
CA GLY A 191 2.16 2.48 -43.32
C GLY A 191 2.11 1.70 -42.02
N ARG A 192 1.89 0.40 -42.07
CA ARG A 192 1.83 -0.44 -40.87
CA ARG A 192 1.85 -0.39 -40.85
C ARG A 192 3.14 -1.19 -40.68
N HIS A 193 3.39 -1.58 -39.44
CA HIS A 193 4.56 -2.39 -39.12
C HIS A 193 4.20 -3.33 -37.99
N TRP A 194 5.12 -4.24 -37.69
CA TRP A 194 4.84 -5.21 -36.65
C TRP A 194 6.12 -5.65 -35.96
N VAL A 195 5.95 -6.09 -34.71
CA VAL A 195 7.02 -6.65 -33.90
C VAL A 195 6.45 -7.86 -33.19
N GLN A 196 7.24 -8.92 -33.09
CA GLN A 196 6.86 -10.12 -32.34
C GLN A 196 7.84 -10.35 -31.18
N TRP A 197 7.25 -10.64 -30.03
CA TRP A 197 7.93 -10.82 -28.75
C TRP A 197 7.75 -12.26 -28.28
N GLN A 198 8.75 -12.79 -27.61
CA GLN A 198 8.69 -14.12 -27.00
CA GLN A 198 8.66 -14.10 -26.99
C GLN A 198 9.18 -14.01 -25.58
N ASP A 199 8.39 -14.52 -24.63
CA ASP A 199 8.79 -14.56 -23.24
C ASP A 199 8.93 -16.03 -22.85
N PRO A 200 10.15 -16.52 -22.57
CA PRO A 200 10.34 -17.97 -22.38
C PRO A 200 9.76 -18.51 -21.10
N PHE A 201 9.47 -17.66 -20.12
CA PHE A 201 9.00 -18.15 -18.83
C PHE A 201 7.49 -18.33 -18.87
N PRO A 202 6.97 -19.52 -18.57
CA PRO A 202 5.53 -19.66 -18.49
C PRO A 202 4.97 -18.68 -17.47
N LYS A 203 3.82 -18.10 -17.79
CA LYS A 203 3.21 -17.15 -16.88
C LYS A 203 1.70 -17.26 -16.88
N PRO A 204 1.09 -16.86 -15.77
CA PRO A 204 -0.34 -16.60 -15.76
C PRO A 204 -0.61 -15.33 -16.56
N CYS A 205 -1.84 -15.24 -17.11
CA CYS A 205 -2.14 -14.14 -18.02
C CYS A 205 -2.21 -12.79 -17.32
N TYR A 206 -2.34 -12.74 -15.98
CA TYR A 206 -2.35 -11.43 -15.33
C TYR A 206 -1.01 -10.70 -15.49
N LEU A 207 0.04 -11.40 -15.91
CA LEU A 207 1.36 -10.81 -16.14
C LEU A 207 1.61 -10.43 -17.59
N PHE A 208 0.64 -10.63 -18.46
CA PHE A 208 0.75 -10.18 -19.83
C PHE A 208 0.71 -8.66 -19.89
N ALA A 209 1.54 -8.07 -20.76
CA ALA A 209 1.44 -6.65 -21.04
C ALA A 209 1.68 -6.37 -22.51
N LEU A 210 1.06 -5.29 -22.98
CA LEU A 210 1.26 -4.75 -24.32
C LEU A 210 1.25 -3.24 -24.19
N VAL A 211 2.18 -2.59 -24.87
CA VAL A 211 2.23 -1.14 -24.96
C VAL A 211 2.49 -0.76 -26.41
N ALA A 212 1.78 0.26 -26.89
CA ALA A 212 2.02 0.80 -28.21
C ALA A 212 1.95 2.31 -28.14
N GLY A 213 2.96 2.98 -28.68
CA GLY A 213 2.94 4.43 -28.64
C GLY A 213 4.25 5.02 -29.10
N ASP A 214 4.35 6.33 -28.90
CA ASP A 214 5.55 7.10 -29.21
CA ASP A 214 5.54 7.11 -29.22
C ASP A 214 6.12 7.62 -27.90
N PHE A 215 7.39 7.35 -27.68
CA PHE A 215 8.01 7.61 -26.38
C PHE A 215 9.43 8.12 -26.57
N ASP A 216 9.90 8.91 -25.60
CA ASP A 216 11.32 9.03 -25.36
C ASP A 216 11.75 7.82 -24.53
N VAL A 217 12.99 7.37 -24.74
CA VAL A 217 13.48 6.18 -24.07
C VAL A 217 14.82 6.47 -23.43
N LEU A 218 14.90 6.27 -22.12
CA LEU A 218 16.18 6.32 -21.41
C LEU A 218 16.73 4.90 -21.35
N ARG A 219 17.94 4.70 -21.85
CA ARG A 219 18.54 3.39 -21.97
C ARG A 219 19.79 3.32 -21.12
N ASP A 220 19.95 2.22 -20.39
CA ASP A 220 21.13 2.03 -19.55
C ASP A 220 21.33 0.51 -19.45
N THR A 221 22.25 0.13 -18.57
N THR A 221 22.31 0.11 -18.65
CA THR A 221 22.66 -1.27 -18.44
CA THR A 221 22.54 -1.31 -18.43
C THR A 221 22.91 -1.59 -16.98
C THR A 221 22.81 -1.57 -16.96
N PHE A 222 22.54 -2.81 -16.57
CA PHE A 222 22.94 -3.33 -15.28
C PHE A 222 23.63 -4.67 -15.53
N THR A 223 24.79 -4.87 -14.93
CA THR A 223 25.47 -6.15 -15.05
C THR A 223 25.29 -6.91 -13.73
N THR A 224 24.71 -8.10 -13.82
CA THR A 224 24.45 -8.85 -12.61
C THR A 224 25.75 -9.37 -12.04
N ARG A 225 25.67 -9.87 -10.81
CA ARG A 225 26.91 -10.26 -10.16
CA ARG A 225 26.85 -10.34 -10.10
C ARG A 225 27.59 -11.42 -10.87
N SER A 226 26.85 -12.26 -11.60
CA SER A 226 27.43 -13.35 -12.35
C SER A 226 27.79 -12.94 -13.77
N GLY A 227 27.56 -11.69 -14.14
CA GLY A 227 28.03 -11.18 -15.41
C GLY A 227 27.00 -11.02 -16.50
N ARG A 228 25.72 -11.22 -16.21
CA ARG A 228 24.70 -11.04 -17.24
CA ARG A 228 24.68 -11.04 -17.23
C ARG A 228 24.46 -9.54 -17.44
N GLU A 229 24.58 -9.08 -18.66
CA GLU A 229 24.32 -7.68 -18.98
CA GLU A 229 24.32 -7.68 -18.95
C GLU A 229 22.85 -7.52 -19.33
N VAL A 230 22.14 -6.71 -18.56
CA VAL A 230 20.72 -6.48 -18.75
C VAL A 230 20.54 -5.09 -19.34
N ALA A 231 19.84 -5.01 -20.46
CA ALA A 231 19.46 -3.73 -21.03
C ALA A 231 18.26 -3.18 -20.29
N LEU A 232 18.40 -1.95 -19.78
CA LEU A 232 17.33 -1.27 -19.04
C LEU A 232 16.76 -0.18 -19.93
N GLU A 233 15.43 -0.15 -20.06
CA GLU A 233 14.78 0.81 -20.94
C GLU A 233 13.58 1.41 -20.22
N LEU A 234 13.57 2.73 -20.07
CA LEU A 234 12.49 3.45 -19.43
CA LEU A 234 12.49 3.45 -19.43
C LEU A 234 11.82 4.32 -20.49
N TYR A 235 10.55 4.02 -20.77
CA TYR A 235 9.76 4.70 -21.79
C TYR A 235 8.90 5.75 -21.10
N VAL A 236 9.03 6.99 -21.55
CA VAL A 236 8.28 8.11 -21.01
C VAL A 236 7.72 8.92 -22.17
N ASP A 237 6.73 9.75 -21.88
CA ASP A 237 6.19 10.60 -22.93
CA ASP A 237 6.18 10.61 -22.91
C ASP A 237 7.27 11.54 -23.45
N ARG A 238 7.13 11.92 -24.73
CA ARG A 238 8.10 12.81 -25.34
C ARG A 238 8.27 14.07 -24.51
N GLY A 239 9.53 14.44 -24.28
CA GLY A 239 9.86 15.62 -23.50
C GLY A 239 10.18 15.34 -22.04
N ASN A 240 10.08 14.08 -21.59
CA ASN A 240 10.22 13.77 -20.17
C ASN A 240 11.52 13.07 -19.82
N LEU A 241 12.50 13.00 -20.73
CA LEU A 241 13.73 12.29 -20.43
C LEU A 241 14.44 12.84 -19.21
N ASP A 242 14.38 14.16 -19.00
CA ASP A 242 15.14 14.67 -17.87
C ASP A 242 14.43 14.43 -16.55
N ARG A 243 13.29 13.73 -16.57
CA ARG A 243 12.60 13.33 -15.34
CA ARG A 243 12.58 13.33 -15.36
C ARG A 243 12.76 11.85 -15.07
N ALA A 244 13.53 11.14 -15.87
CA ALA A 244 13.68 9.70 -15.77
C ALA A 244 14.93 9.18 -15.03
N PRO A 245 16.00 9.95 -14.86
CA PRO A 245 17.20 9.33 -14.27
C PRO A 245 17.04 8.77 -12.86
N TRP A 246 16.25 9.39 -11.99
CA TRP A 246 16.12 8.84 -10.64
C TRP A 246 15.46 7.46 -10.66
N ALA A 247 14.43 7.29 -11.49
CA ALA A 247 13.81 5.97 -11.59
C ALA A 247 14.79 4.94 -12.11
N MET A 248 15.63 5.32 -13.08
CA MET A 248 16.62 4.40 -13.61
C MET A 248 17.63 4.03 -12.53
N THR A 249 18.09 5.03 -11.78
CA THR A 249 19.03 4.79 -10.68
C THR A 249 18.41 3.86 -9.65
N SER A 250 17.12 4.08 -9.35
CA SER A 250 16.43 3.25 -8.36
C SER A 250 16.27 1.82 -8.85
N LEU A 251 16.06 1.62 -10.17
CA LEU A 251 16.00 0.26 -10.71
C LEU A 251 17.33 -0.45 -10.52
N LYS A 252 18.45 0.23 -10.85
CA LYS A 252 19.75 -0.38 -10.62
C LYS A 252 19.97 -0.67 -9.14
N ASN A 253 19.58 0.27 -8.26
CA ASN A 253 19.73 0.05 -6.83
C ASN A 253 18.92 -1.17 -6.37
N SER A 254 17.72 -1.35 -6.91
CA SER A 254 16.87 -2.49 -6.57
CA SER A 254 16.90 -2.49 -6.50
C SER A 254 17.50 -3.79 -7.01
N MET A 255 18.06 -3.80 -8.22
CA MET A 255 18.69 -5.01 -8.74
CA MET A 255 18.70 -5.01 -8.74
C MET A 255 19.90 -5.39 -7.88
N LYS A 256 20.72 -4.40 -7.53
CA LYS A 256 21.88 -4.68 -6.68
CA LYS A 256 21.88 -4.70 -6.69
C LYS A 256 21.46 -5.17 -5.31
N TRP A 257 20.46 -4.54 -4.71
CA TRP A 257 20.04 -4.94 -3.36
C TRP A 257 19.47 -6.35 -3.34
N ASP A 258 18.66 -6.72 -4.34
CA ASP A 258 18.11 -8.07 -4.32
C ASP A 258 19.22 -9.11 -4.45
N GLU A 259 20.29 -8.79 -5.17
CA GLU A 259 21.47 -9.67 -5.20
C GLU A 259 22.11 -9.77 -3.82
N GLU A 260 22.38 -8.61 -3.20
CA GLU A 260 23.12 -8.59 -1.93
C GLU A 260 22.33 -9.21 -0.80
N ARG A 261 21.07 -8.84 -0.67
CA ARG A 261 20.27 -9.24 0.48
C ARG A 261 19.61 -10.62 0.31
N PHE A 262 19.06 -10.90 -0.88
CA PHE A 262 18.33 -12.14 -1.11
C PHE A 262 19.05 -13.10 -2.05
N GLY A 263 20.17 -12.70 -2.65
CA GLY A 263 20.88 -13.55 -3.59
C GLY A 263 20.17 -13.78 -4.91
N LEU A 264 19.30 -12.86 -5.32
CA LEU A 264 18.46 -13.03 -6.50
C LEU A 264 18.95 -12.13 -7.63
N GLU A 265 19.10 -12.70 -8.82
CA GLU A 265 19.47 -11.97 -10.02
C GLU A 265 18.30 -11.91 -10.99
N TYR A 266 18.28 -10.86 -11.80
CA TYR A 266 17.32 -10.80 -12.89
C TYR A 266 17.61 -11.91 -13.89
N ASP A 267 16.56 -12.37 -14.56
CA ASP A 267 16.57 -13.61 -15.31
C ASP A 267 16.35 -13.45 -16.81
N LEU A 268 16.20 -12.23 -17.30
N LEU A 268 16.27 -12.23 -17.31
CA LEU A 268 15.94 -11.95 -18.71
CA LEU A 268 16.16 -11.92 -18.73
C LEU A 268 17.00 -10.97 -19.21
C LEU A 268 17.20 -10.86 -19.08
N ASP A 269 16.83 -10.55 -20.46
N ASP A 269 17.44 -10.67 -20.37
CA ASP A 269 17.83 -9.79 -21.19
CA ASP A 269 18.44 -9.70 -20.84
C ASP A 269 17.54 -8.30 -21.23
C ASP A 269 17.86 -8.33 -21.12
N ILE A 270 16.27 -7.94 -21.20
N ILE A 270 16.60 -8.08 -20.76
CA ILE A 270 15.80 -6.56 -21.16
CA ILE A 270 15.90 -6.84 -21.06
C ILE A 270 14.93 -6.41 -19.92
C ILE A 270 14.87 -6.54 -19.98
N TYR A 271 14.93 -5.21 -19.37
N TYR A 271 14.97 -5.36 -19.38
CA TYR A 271 14.00 -4.81 -18.31
CA TYR A 271 14.00 -4.87 -18.42
C TYR A 271 13.36 -3.49 -18.77
C TYR A 271 13.43 -3.57 -18.97
N MET A 272 12.12 -3.55 -19.23
CA MET A 272 11.41 -2.36 -19.68
C MET A 272 10.47 -1.85 -18.60
N ILE A 273 10.40 -0.53 -18.47
CA ILE A 273 9.40 0.16 -17.66
C ILE A 273 8.76 1.21 -18.54
N VAL A 274 7.43 1.26 -18.56
CA VAL A 274 6.70 2.30 -19.28
C VAL A 274 5.91 3.12 -18.28
N ALA A 275 6.09 4.44 -18.32
CA ALA A 275 5.33 5.37 -17.50
C ALA A 275 4.10 5.85 -18.26
N VAL A 276 2.92 5.64 -17.69
CA VAL A 276 1.67 6.07 -18.29
C VAL A 276 0.90 6.98 -17.33
N ASP A 277 0.16 7.91 -17.92
CA ASP A 277 -0.56 8.92 -17.12
C ASP A 277 -1.89 8.40 -16.57
N PHE A 278 -2.51 7.44 -17.26
CA PHE A 278 -3.84 6.94 -16.92
C PHE A 278 -3.68 5.50 -16.43
N PHE A 279 -3.78 5.29 -15.12
N PHE A 279 -3.80 5.29 -15.13
CA PHE A 279 -3.47 3.98 -14.55
CA PHE A 279 -3.51 4.00 -14.53
C PHE A 279 -4.15 3.90 -13.19
C PHE A 279 -4.25 3.91 -13.20
N ASN A 280 -4.99 2.87 -13.00
N ASN A 280 -4.73 2.71 -12.87
CA ASN A 280 -5.74 2.77 -11.75
CA ASN A 280 -5.48 2.51 -11.63
C ASN A 280 -4.85 2.41 -10.58
C ASN A 280 -4.66 1.88 -10.51
N MET A 281 -3.78 1.67 -10.79
N MET A 281 -3.68 1.04 -10.81
CA MET A 281 -2.89 1.26 -9.72
CA MET A 281 -3.10 0.14 -9.81
C MET A 281 -1.62 2.12 -9.74
C MET A 281 -1.74 0.60 -9.32
N GLY A 282 -0.76 1.90 -8.77
N GLY A 282 -1.37 1.86 -9.55
CA GLY A 282 0.51 2.59 -8.75
CA GLY A 282 -0.09 2.36 -9.12
C GLY A 282 1.46 2.08 -9.80
C GLY A 282 1.04 1.93 -10.05
N ALA A 283 1.54 0.76 -9.97
N ALA A 283 1.40 0.65 -9.97
CA ALA A 283 2.46 0.14 -10.91
CA ALA A 283 2.45 0.09 -10.81
C ALA A 283 2.11 -1.34 -11.02
C ALA A 283 2.26 -1.42 -10.86
N MET A 284 2.79 -2.04 -11.92
CA MET A 284 2.44 -3.43 -12.19
C MET A 284 3.64 -4.21 -12.74
N GLU A 285 3.86 -5.37 -12.13
CA GLU A 285 5.06 -6.18 -12.35
C GLU A 285 5.07 -7.08 -13.59
N ASN A 286 4.42 -6.68 -14.68
CA ASN A 286 4.36 -7.58 -15.83
C ASN A 286 5.77 -7.99 -16.22
N LYS A 287 5.96 -9.27 -16.51
CA LYS A 287 7.30 -9.83 -16.67
C LYS A 287 8.09 -9.11 -17.74
N GLY A 288 9.22 -8.49 -17.32
CA GLY A 288 10.09 -7.78 -18.24
C GLY A 288 9.54 -6.52 -18.84
N LEU A 289 8.30 -6.15 -18.51
CA LEU A 289 7.63 -4.99 -19.12
C LEU A 289 6.69 -4.42 -18.07
N ASN A 290 7.27 -3.80 -17.05
CA ASN A 290 6.46 -3.21 -16.00
C ASN A 290 5.76 -1.98 -16.57
N ILE A 291 4.54 -1.73 -16.13
CA ILE A 291 3.81 -0.52 -16.48
C ILE A 291 3.55 0.24 -15.18
N PHE A 292 3.95 1.50 -15.14
CA PHE A 292 3.91 2.33 -13.94
C PHE A 292 3.03 3.54 -14.17
N ASN A 293 2.26 3.92 -13.15
CA ASN A 293 1.71 5.27 -13.12
C ASN A 293 2.89 6.23 -13.11
N SER A 294 2.79 7.29 -13.91
CA SER A 294 3.86 8.29 -14.02
CA SER A 294 3.90 8.23 -14.01
C SER A 294 4.26 8.85 -12.66
N LYS A 295 3.35 8.86 -11.69
CA LYS A 295 3.63 9.36 -10.35
CA LYS A 295 3.67 9.39 -10.38
C LYS A 295 4.80 8.63 -9.71
N TYR A 296 5.00 7.34 -10.08
CA TYR A 296 6.05 6.53 -9.50
C TYR A 296 7.24 6.36 -10.42
N VAL A 297 7.40 7.26 -11.39
CA VAL A 297 8.55 7.31 -12.26
C VAL A 297 9.15 8.71 -12.31
N LEU A 298 8.36 9.73 -12.61
CA LEU A 298 8.91 11.02 -13.03
C LEU A 298 9.31 11.86 -11.83
N ALA A 299 10.53 12.40 -11.85
CA ALA A 299 11.02 13.26 -10.78
C ALA A 299 12.08 14.22 -11.30
N ARG A 300 11.93 15.47 -10.88
CA ARG A 300 12.91 16.53 -11.02
CA ARG A 300 12.94 16.51 -11.00
C ARG A 300 12.80 17.35 -9.75
N THR A 301 13.90 17.99 -9.33
CA THR A 301 13.90 18.59 -7.99
C THR A 301 12.95 19.77 -7.84
N ASP A 302 12.59 20.45 -8.92
CA ASP A 302 11.67 21.57 -8.81
C ASP A 302 10.22 21.13 -8.77
N THR A 303 9.94 19.87 -9.13
CA THR A 303 8.57 19.38 -9.25
C THR A 303 8.23 18.27 -8.27
N ALA A 304 9.22 17.55 -7.74
CA ALA A 304 9.00 16.38 -6.93
C ALA A 304 9.63 16.62 -5.56
N THR A 305 8.98 16.09 -4.53
CA THR A 305 9.44 16.21 -3.15
C THR A 305 10.31 15.02 -2.77
N ASP A 306 10.97 15.16 -1.62
CA ASP A 306 11.74 14.05 -1.05
C ASP A 306 10.86 12.81 -0.95
N LYS A 307 9.61 12.99 -0.51
CA LYS A 307 8.70 11.86 -0.39
CA LYS A 307 8.72 11.85 -0.38
CA LYS A 307 8.68 11.87 -0.39
C LYS A 307 8.44 11.22 -1.74
N ASP A 308 8.27 12.04 -2.79
CA ASP A 308 8.12 11.48 -4.13
C ASP A 308 9.35 10.65 -4.52
N TYR A 309 10.55 11.18 -4.27
CA TYR A 309 11.75 10.42 -4.61
C TYR A 309 11.77 9.09 -3.87
N LEU A 310 11.46 9.09 -2.58
CA LEU A 310 11.52 7.84 -1.85
C LEU A 310 10.38 6.89 -2.21
N ASP A 311 9.23 7.42 -2.65
CA ASP A 311 8.14 6.58 -3.14
C ASP A 311 8.48 5.97 -4.50
N ILE A 312 9.13 6.72 -5.39
CA ILE A 312 9.61 6.14 -6.64
C ILE A 312 10.57 5.00 -6.33
N GLU A 313 11.50 5.22 -5.42
CA GLU A 313 12.43 4.17 -5.04
C GLU A 313 11.69 2.93 -4.54
N ARG A 314 10.73 3.10 -3.63
CA ARG A 314 10.10 1.92 -3.09
CA ARG A 314 9.96 1.99 -3.04
C ARG A 314 9.19 1.22 -4.09
N VAL A 315 8.54 1.94 -5.00
CA VAL A 315 7.67 1.30 -5.97
C VAL A 315 8.46 0.64 -7.08
N ILE A 316 9.51 1.31 -7.60
CA ILE A 316 10.42 0.64 -8.52
C ILE A 316 10.93 -0.64 -7.88
N GLY A 317 11.36 -0.55 -6.62
CA GLY A 317 11.83 -1.74 -5.93
C GLY A 317 10.75 -2.80 -5.84
N HIS A 318 9.57 -2.43 -5.35
CA HIS A 318 8.47 -3.37 -5.21
C HIS A 318 8.25 -4.15 -6.50
N GLU A 319 8.11 -3.45 -7.62
CA GLU A 319 7.81 -4.14 -8.87
C GLU A 319 8.98 -5.03 -9.29
N TYR A 320 10.21 -4.57 -9.10
CA TYR A 320 11.38 -5.40 -9.38
C TYR A 320 11.37 -6.65 -8.51
N PHE A 321 11.06 -6.49 -7.23
CA PHE A 321 11.11 -7.63 -6.31
C PHE A 321 10.06 -8.68 -6.67
N HIS A 322 8.95 -8.26 -7.27
CA HIS A 322 7.95 -9.23 -7.73
C HIS A 322 8.51 -10.17 -8.78
N ASN A 323 9.62 -9.84 -9.43
CA ASN A 323 10.11 -10.74 -10.46
C ASN A 323 10.33 -12.14 -9.91
N TRP A 324 10.77 -12.24 -8.65
CA TRP A 324 10.87 -13.52 -7.96
C TRP A 324 9.63 -13.79 -7.12
N THR A 325 9.20 -12.84 -6.29
CA THR A 325 8.07 -13.06 -5.38
C THR A 325 6.78 -12.57 -6.04
N GLY A 326 6.29 -13.40 -6.97
CA GLY A 326 5.11 -13.11 -7.76
C GLY A 326 5.19 -13.68 -9.16
N ASN A 327 6.35 -13.57 -9.81
CA ASN A 327 6.47 -13.99 -11.20
C ASN A 327 7.11 -15.38 -11.29
N ARG A 328 8.34 -15.53 -10.83
CA ARG A 328 8.96 -16.85 -10.87
C ARG A 328 8.18 -17.84 -9.99
N VAL A 329 7.69 -17.39 -8.84
CA VAL A 329 6.67 -18.12 -8.08
C VAL A 329 5.45 -17.23 -8.05
N THR A 330 4.34 -17.73 -8.59
CA THR A 330 3.09 -16.97 -8.65
C THR A 330 2.06 -17.56 -7.68
N CYS A 331 0.81 -17.13 -7.80
CA CYS A 331 -0.27 -17.50 -6.88
C CYS A 331 -1.18 -18.55 -7.49
N ARG A 332 -1.47 -19.60 -6.71
CA ARG A 332 -2.35 -20.66 -7.19
C ARG A 332 -3.74 -20.13 -7.52
N ASP A 333 -4.22 -19.18 -6.71
CA ASP A 333 -5.54 -18.61 -6.84
C ASP A 333 -5.47 -17.26 -6.16
N TRP A 334 -6.49 -16.44 -6.42
CA TRP A 334 -6.41 -15.06 -5.93
C TRP A 334 -6.58 -14.92 -4.44
N PHE A 335 -7.11 -15.94 -3.76
CA PHE A 335 -7.15 -15.88 -2.30
C PHE A 335 -5.75 -15.92 -1.72
N GLN A 336 -4.76 -16.35 -2.51
CA GLN A 336 -3.35 -16.37 -2.10
C GLN A 336 -2.62 -15.07 -2.43
N LEU A 337 -3.33 -13.98 -2.70
CA LEU A 337 -2.66 -12.76 -3.15
C LEU A 337 -1.55 -12.32 -2.20
N SER A 338 -1.77 -12.44 -0.88
CA SER A 338 -0.74 -11.99 0.08
C SER A 338 0.56 -12.78 -0.03
N LEU A 339 0.51 -13.99 -0.57
CA LEU A 339 1.73 -14.76 -0.85
C LEU A 339 2.74 -13.92 -1.60
N LYS A 340 2.28 -13.19 -2.61
CA LYS A 340 3.18 -12.27 -3.31
C LYS A 340 3.16 -10.87 -2.73
N GLU A 341 2.03 -10.37 -2.25
CA GLU A 341 2.00 -8.96 -1.86
C GLU A 341 2.58 -8.73 -0.47
N GLY A 342 2.24 -9.55 0.52
CA GLY A 342 2.85 -9.37 1.82
C GLY A 342 4.36 -9.50 1.74
N LEU A 343 4.81 -10.50 0.99
CA LEU A 343 6.23 -10.76 0.88
C LEU A 343 6.95 -9.68 0.07
N THR A 344 6.32 -9.19 -1.01
CA THR A 344 6.95 -8.15 -1.81
C THR A 344 6.94 -6.82 -1.08
N VAL A 345 5.86 -6.51 -0.32
CA VAL A 345 5.87 -5.32 0.51
C VAL A 345 6.97 -5.41 1.55
N PHE A 346 7.10 -6.57 2.21
CA PHE A 346 8.20 -6.75 3.15
C PHE A 346 9.55 -6.49 2.48
N ARG A 347 9.74 -7.02 1.28
CA ARG A 347 10.97 -6.78 0.54
C ARG A 347 11.16 -5.30 0.24
N ASP A 348 10.11 -4.59 -0.20
CA ASP A 348 10.28 -3.16 -0.47
C ASP A 348 10.59 -2.38 0.79
N GLN A 349 10.00 -2.77 1.93
CA GLN A 349 10.31 -2.08 3.19
C GLN A 349 11.74 -2.33 3.62
N GLU A 350 12.22 -3.55 3.44
CA GLU A 350 13.58 -3.88 3.81
C GLU A 350 14.58 -3.16 2.90
N PHE A 351 14.26 -3.05 1.62
CA PHE A 351 15.08 -2.30 0.67
C PHE A 351 15.17 -0.84 1.09
N SER A 352 14.04 -0.18 1.28
CA SER A 352 14.04 1.23 1.68
C SER A 352 14.76 1.42 2.99
N SER A 353 14.54 0.50 3.94
CA SER A 353 15.14 0.61 5.28
C SER A 353 16.65 0.42 5.24
N ASP A 354 17.13 -0.53 4.43
CA ASP A 354 18.57 -0.74 4.30
C ASP A 354 19.23 0.47 3.66
N LEU A 355 18.66 0.99 2.56
CA LEU A 355 19.30 2.09 1.84
C LEU A 355 19.16 3.41 2.58
N GLY A 356 18.06 3.60 3.30
CA GLY A 356 17.70 4.86 3.91
C GLY A 356 17.69 4.77 5.42
N SER A 357 16.73 5.45 6.03
CA SER A 357 16.57 5.43 7.48
C SER A 357 15.65 4.29 7.86
N ARG A 358 16.19 3.27 8.54
CA ARG A 358 15.34 2.18 8.96
C ARG A 358 14.28 2.67 9.96
N ALA A 359 14.66 3.55 10.88
CA ALA A 359 13.70 4.00 11.89
C ALA A 359 12.56 4.77 11.26
N VAL A 360 12.86 5.67 10.31
CA VAL A 360 11.77 6.43 9.69
C VAL A 360 10.87 5.52 8.90
N ASN A 361 11.45 4.56 8.16
CA ASN A 361 10.62 3.60 7.43
C ASN A 361 9.72 2.83 8.38
N ARG A 362 10.29 2.30 9.47
CA ARG A 362 9.47 1.52 10.37
C ARG A 362 8.38 2.37 10.98
N ILE A 363 8.74 3.58 11.43
N ILE A 363 8.73 3.59 11.42
CA ILE A 363 7.75 4.48 12.04
CA ILE A 363 7.74 4.50 11.97
C ILE A 363 6.59 4.69 11.09
C ILE A 363 6.63 4.77 10.95
N ASN A 364 6.87 5.04 9.83
N ASN A 364 7.01 5.04 9.71
CA ASN A 364 5.78 5.36 8.91
CA ASN A 364 5.99 5.28 8.68
C ASN A 364 4.98 4.13 8.50
C ASN A 364 5.06 4.09 8.55
N ASN A 365 5.61 2.97 8.48
N ASN A 365 5.63 2.90 8.44
CA ASN A 365 4.83 1.75 8.23
CA ASN A 365 4.79 1.72 8.22
C ASN A 365 3.92 1.43 9.41
C ASN A 365 3.91 1.40 9.42
N VAL A 366 4.37 1.73 10.62
CA VAL A 366 3.53 1.54 11.80
C VAL A 366 2.40 2.56 11.82
N ARG A 367 2.66 3.82 11.40
CA ARG A 367 1.59 4.80 11.29
CA ARG A 367 1.57 4.78 11.31
C ARG A 367 0.50 4.31 10.35
N THR A 368 0.91 3.73 9.21
CA THR A 368 -0.07 3.20 8.26
C THR A 368 -0.85 2.05 8.88
N MET A 369 -0.17 1.16 9.59
CA MET A 369 -0.87 0.04 10.22
C MET A 369 -1.88 0.51 11.25
N ARG A 370 -1.44 1.36 12.17
N ARG A 370 -1.43 1.31 12.21
CA ARG A 370 -2.31 1.77 13.27
CA ARG A 370 -2.27 1.63 13.36
C ARG A 370 -3.36 2.77 12.84
C ARG A 370 -3.45 2.50 12.98
N GLY A 371 -3.07 3.60 11.85
N GLY A 371 -3.26 3.43 12.05
CA GLY A 371 -3.99 4.65 11.49
CA GLY A 371 -4.37 4.23 11.57
C GLY A 371 -4.91 4.33 10.32
C GLY A 371 -5.14 3.55 10.45
N LEU A 372 -4.57 3.34 9.51
N LEU A 372 -4.59 3.58 9.24
CA LEU A 372 -5.37 3.01 8.33
CA LEU A 372 -5.31 3.06 8.08
C LEU A 372 -5.73 1.53 8.28
C LEU A 372 -5.74 1.61 8.28
N GLN A 373 -4.77 0.63 8.54
N GLN A 373 -4.78 0.70 8.47
CA GLN A 373 -5.12 -0.78 8.42
CA GLN A 373 -5.10 -0.72 8.42
C GLN A 373 -5.97 -1.26 9.58
C GLN A 373 -6.03 -1.14 9.56
N PHE A 374 -5.70 -0.76 10.80
CA PHE A 374 -6.54 -1.15 11.93
C PHE A 374 -8.00 -0.74 11.66
N ALA A 375 -8.20 0.44 11.07
CA ALA A 375 -9.57 0.86 10.73
C ALA A 375 -10.23 -0.11 9.76
N GLU A 376 -9.49 -0.58 8.77
CA GLU A 376 -10.07 -1.57 7.86
C GLU A 376 -10.44 -2.84 8.59
N ASP A 377 -9.59 -3.30 9.51
N ASP A 377 -9.60 -3.29 9.52
CA ASP A 377 -9.72 -4.62 10.11
CA ASP A 377 -9.93 -4.45 10.33
C ASP A 377 -10.82 -4.72 11.16
C ASP A 377 -11.06 -4.18 11.30
N ALA A 378 -11.47 -3.62 11.50
N ALA A 378 -11.37 -2.90 11.56
CA ALA A 378 -12.68 -3.65 12.30
CA ALA A 378 -12.51 -2.51 12.36
C ALA A 378 -13.91 -3.20 11.51
C ALA A 378 -13.75 -2.20 11.53
N SER A 379 -13.74 -2.90 10.21
N SER A 379 -13.75 -2.56 10.22
CA SER A 379 -14.79 -2.33 9.38
CA SER A 379 -14.79 -2.20 9.28
C SER A 379 -15.60 -3.45 8.76
C SER A 379 -15.57 -3.40 8.73
N PRO A 380 -16.67 -3.13 8.04
CA PRO A 380 -17.43 -4.21 7.40
C PRO A 380 -16.64 -4.96 6.36
N MET A 381 -15.57 -4.39 5.84
CA MET A 381 -14.74 -5.04 4.84
CA MET A 381 -14.72 -5.02 4.84
C MET A 381 -13.64 -5.89 5.44
N ALA A 382 -13.62 -6.09 6.76
CA ALA A 382 -12.54 -6.84 7.39
C ALA A 382 -12.39 -8.22 6.76
N HIS A 383 -11.14 -8.65 6.58
CA HIS A 383 -10.82 -9.95 6.02
C HIS A 383 -9.48 -10.40 6.57
N PRO A 384 -9.23 -11.70 6.63
CA PRO A 384 -7.87 -12.17 6.88
C PRO A 384 -6.97 -11.84 5.71
N ILE A 385 -5.64 -11.88 5.98
CA ILE A 385 -4.69 -11.59 4.90
C ILE A 385 -4.84 -12.58 3.76
N ARG A 386 -5.33 -13.77 4.06
CA ARG A 386 -5.75 -14.75 3.04
C ARG A 386 -7.26 -14.80 3.10
N PRO A 387 -7.96 -14.11 2.22
CA PRO A 387 -9.43 -14.07 2.33
C PRO A 387 -10.04 -15.44 2.11
N ASP A 388 -11.25 -15.59 2.65
CA ASP A 388 -12.04 -16.79 2.45
C ASP A 388 -13.19 -16.61 1.46
N MET A 389 -13.62 -15.37 1.22
CA MET A 389 -14.80 -15.06 0.43
CA MET A 389 -14.78 -15.09 0.40
C MET A 389 -14.55 -13.76 -0.31
N VAL A 390 -14.78 -13.75 -1.62
CA VAL A 390 -14.57 -12.56 -2.46
C VAL A 390 -15.68 -12.49 -3.49
N ILE A 391 -16.26 -11.30 -3.69
CA ILE A 391 -17.13 -11.09 -4.84
C ILE A 391 -16.37 -10.47 -6.00
N GLU A 392 -15.69 -9.36 -5.75
CA GLU A 392 -14.88 -8.67 -6.75
C GLU A 392 -13.43 -8.64 -6.27
N MET A 393 -12.57 -9.39 -6.95
CA MET A 393 -11.20 -9.52 -6.45
C MET A 393 -10.45 -8.19 -6.30
N ASN A 394 -10.75 -7.30 -7.28
N ASN A 394 -10.77 -7.29 -7.26
CA ASN A 394 -10.05 -6.04 -7.28
CA ASN A 394 -10.15 -5.98 -7.31
C ASN A 394 -10.44 -5.19 -6.08
C ASN A 394 -10.34 -5.30 -5.97
N ASN A 395 -11.45 -5.61 -5.30
CA ASN A 395 -11.61 -5.06 -3.95
C ASN A 395 -10.67 -5.58 -2.87
N PHE A 396 -9.80 -6.55 -3.16
CA PHE A 396 -8.98 -7.16 -2.13
C PHE A 396 -7.50 -6.80 -2.25
N TYR A 397 -7.20 -5.73 -2.99
CA TYR A 397 -5.85 -5.17 -3.06
C TYR A 397 -5.73 -4.14 -1.94
N THR A 398 -5.68 -4.65 -0.70
CA THR A 398 -6.00 -3.88 0.49
C THR A 398 -4.80 -3.63 1.40
N LEU A 399 -4.99 -2.65 2.28
CA LEU A 399 -4.09 -2.44 3.41
C LEU A 399 -3.85 -3.74 4.17
N THR A 400 -4.91 -4.55 4.33
CA THR A 400 -4.76 -5.82 5.03
C THR A 400 -3.85 -6.78 4.27
N VAL A 401 -4.14 -7.03 3.00
CA VAL A 401 -3.38 -8.02 2.23
C VAL A 401 -1.92 -7.59 2.07
N TYR A 402 -1.70 -6.28 1.86
CA TYR A 402 -0.38 -5.72 1.62
C TYR A 402 0.36 -5.42 2.92
N GLU A 403 -0.15 -4.47 3.70
CA GLU A 403 0.59 -3.97 4.85
CA GLU A 403 0.58 -3.96 4.86
C GLU A 403 0.51 -4.94 6.03
N LYS A 404 -0.68 -5.43 6.38
CA LYS A 404 -0.72 -6.47 7.41
C LYS A 404 -0.03 -7.74 6.91
N GLY A 405 -0.19 -8.05 5.62
CA GLY A 405 0.55 -9.16 5.03
C GLY A 405 2.03 -9.06 5.30
N ALA A 406 2.58 -7.87 5.09
CA ALA A 406 4.02 -7.66 5.34
C ALA A 406 4.35 -7.80 6.82
N GLU A 407 3.47 -7.32 7.71
CA GLU A 407 3.72 -7.50 9.14
C GLU A 407 3.78 -8.98 9.50
N VAL A 408 2.97 -9.80 8.84
CA VAL A 408 2.99 -11.23 9.08
C VAL A 408 4.31 -11.84 8.60
N ILE A 409 4.78 -11.46 7.42
CA ILE A 409 6.11 -11.87 6.96
C ILE A 409 7.18 -11.43 7.95
N ARG A 410 7.09 -10.18 8.42
CA ARG A 410 8.07 -9.66 9.35
C ARG A 410 8.05 -10.41 10.69
N MET A 411 6.87 -10.88 11.11
CA MET A 411 6.82 -11.71 12.31
C MET A 411 7.55 -13.03 12.09
N ILE A 412 7.41 -13.64 10.90
CA ILE A 412 8.21 -14.82 10.59
C ILE A 412 9.69 -14.49 10.70
N HIS A 413 10.09 -13.35 10.13
CA HIS A 413 11.49 -12.94 10.20
C HIS A 413 11.92 -12.76 11.66
N THR A 414 11.06 -12.17 12.50
CA THR A 414 11.37 -12.01 13.92
C THR A 414 11.55 -13.37 14.61
N LEU A 415 10.66 -14.31 14.31
CA LEU A 415 10.74 -15.63 14.94
C LEU A 415 11.93 -16.45 14.45
N LEU A 416 12.34 -16.27 13.21
CA LEU A 416 13.39 -17.10 12.61
C LEU A 416 14.76 -16.48 12.67
N GLY A 417 14.85 -15.16 12.60
CA GLY A 417 16.09 -14.46 12.37
C GLY A 417 16.46 -14.47 10.89
N GLU A 418 17.35 -13.54 10.49
CA GLU A 418 17.66 -13.35 9.08
C GLU A 418 18.21 -14.62 8.43
N GLU A 419 19.17 -15.30 9.08
CA GLU A 419 19.79 -16.44 8.43
CA GLU A 419 19.79 -16.46 8.46
C GLU A 419 18.76 -17.54 8.14
N ASN A 420 17.94 -17.89 9.13
N ASN A 420 17.91 -17.88 9.09
CA ASN A 420 16.89 -18.90 8.93
CA ASN A 420 16.95 -18.94 8.81
C ASN A 420 15.90 -18.42 7.90
C ASN A 420 15.75 -18.45 8.00
N PHE A 421 15.51 -17.15 7.98
CA PHE A 421 14.54 -16.60 7.03
C PHE A 421 15.04 -16.76 5.60
N GLN A 422 16.33 -16.48 5.37
CA GLN A 422 16.86 -16.63 4.02
C GLN A 422 16.94 -18.09 3.61
N LYS A 423 17.22 -19.01 4.56
CA LYS A 423 17.14 -20.42 4.24
CA LYS A 423 17.14 -20.43 4.23
C LYS A 423 15.72 -20.79 3.81
N GLY A 424 14.72 -20.21 4.48
CA GLY A 424 13.33 -20.43 4.08
C GLY A 424 13.04 -19.90 2.69
N MET A 425 13.52 -18.70 2.38
CA MET A 425 13.36 -18.17 1.02
C MET A 425 13.97 -19.12 -0.01
N GLN A 426 15.17 -19.61 0.28
CA GLN A 426 15.86 -20.49 -0.66
CA GLN A 426 15.84 -20.49 -0.67
C GLN A 426 15.07 -21.78 -0.88
N LEU A 427 14.51 -22.34 0.20
CA LEU A 427 13.73 -23.56 0.06
C LEU A 427 12.42 -23.30 -0.67
N TYR A 428 11.79 -22.16 -0.40
CA TYR A 428 10.59 -21.76 -1.13
C TYR A 428 10.85 -21.71 -2.63
N PHE A 429 11.94 -21.06 -3.05
CA PHE A 429 12.22 -21.00 -4.48
C PHE A 429 12.60 -22.38 -5.04
N GLU A 430 13.38 -23.16 -4.29
CA GLU A 430 13.76 -24.47 -4.77
CA GLU A 430 13.76 -24.49 -4.75
C GLU A 430 12.53 -25.33 -5.04
N ARG A 431 11.56 -25.27 -4.14
CA ARG A 431 10.36 -26.10 -4.27
C ARG A 431 9.39 -25.58 -5.30
N HIS A 432 9.25 -24.26 -5.41
CA HIS A 432 8.11 -23.68 -6.09
C HIS A 432 8.43 -22.83 -7.31
N ASP A 433 9.71 -22.64 -7.65
CA ASP A 433 10.04 -21.91 -8.85
C ASP A 433 9.34 -22.55 -10.05
N GLY A 434 8.70 -21.71 -10.85
CA GLY A 434 8.02 -22.16 -12.03
C GLY A 434 6.63 -22.66 -11.76
N SER A 435 6.07 -22.37 -10.59
N SER A 435 6.11 -22.47 -10.56
CA SER A 435 4.73 -22.84 -10.23
CA SER A 435 4.80 -22.99 -10.24
C SER A 435 3.90 -21.72 -9.64
C SER A 435 4.02 -21.93 -9.50
N ALA A 436 2.62 -22.04 -9.39
N ALA A 436 2.70 -21.99 -9.66
CA ALA A 436 1.63 -21.17 -8.76
CA ALA A 436 1.83 -21.29 -8.74
C ALA A 436 1.30 -21.76 -7.38
C ALA A 436 1.90 -21.97 -7.38
N ALA A 437 1.80 -21.10 -6.33
N ALA A 437 1.76 -21.17 -6.32
CA ALA A 437 1.86 -21.68 -4.99
CA ALA A 437 1.95 -21.62 -4.95
C ALA A 437 0.85 -21.01 -4.05
C ALA A 437 0.87 -21.02 -4.06
N THR A 438 0.83 -21.50 -2.81
CA THR A 438 -0.10 -20.99 -1.81
C THR A 438 0.62 -20.37 -0.61
N CYS A 439 -0.11 -19.55 0.14
CA CYS A 439 0.43 -19.04 1.40
C CYS A 439 0.95 -20.18 2.28
N ASP A 440 0.19 -21.26 2.35
CA ASP A 440 0.61 -22.37 3.20
CA ASP A 440 0.58 -22.41 3.17
C ASP A 440 1.93 -22.97 2.73
N ASP A 441 2.15 -23.04 1.41
CA ASP A 441 3.44 -23.52 0.88
C ASP A 441 4.60 -22.68 1.40
N PHE A 442 4.40 -21.35 1.42
CA PHE A 442 5.45 -20.46 1.90
C PHE A 442 5.74 -20.69 3.38
N VAL A 443 4.69 -20.77 4.19
CA VAL A 443 4.90 -21.00 5.62
C VAL A 443 5.61 -22.34 5.83
N GLN A 444 5.22 -23.36 5.06
CA GLN A 444 5.84 -24.67 5.21
CA GLN A 444 5.84 -24.65 5.24
C GLN A 444 7.33 -24.62 4.87
N ALA A 445 7.68 -23.87 3.81
CA ALA A 445 9.10 -23.73 3.48
C ALA A 445 9.87 -23.07 4.63
N MET A 446 9.30 -22.02 5.22
CA MET A 446 9.97 -21.36 6.34
C MET A 446 10.13 -22.29 7.52
N GLU A 447 9.08 -23.03 7.85
CA GLU A 447 9.10 -23.99 8.96
CA GLU A 447 9.14 -23.96 8.98
C GLU A 447 10.12 -25.09 8.71
N ASP A 448 10.11 -25.65 7.50
CA ASP A 448 10.99 -26.78 7.19
C ASP A 448 12.46 -26.36 7.16
N ALA A 449 12.75 -25.16 6.62
CA ALA A 449 14.15 -24.74 6.53
C ALA A 449 14.71 -24.36 7.88
N SER A 450 13.88 -23.84 8.77
CA SER A 450 14.35 -23.25 10.02
C SER A 450 14.21 -24.16 11.21
N ASN A 451 13.36 -25.19 11.13
N ASN A 451 13.37 -25.18 11.13
CA ASN A 451 12.97 -26.04 12.25
CA ASN A 451 13.02 -26.00 12.29
C ASN A 451 12.16 -25.30 13.32
C ASN A 451 12.36 -25.17 13.40
N VAL A 452 11.65 -24.11 13.02
CA VAL A 452 10.78 -23.38 13.93
C VAL A 452 9.34 -23.79 13.61
N ASP A 453 8.60 -24.20 14.63
CA ASP A 453 7.20 -24.62 14.45
C ASP A 453 6.31 -23.42 14.20
N LEU A 454 5.71 -23.37 13.02
CA LEU A 454 4.80 -22.31 12.62
C LEU A 454 3.35 -22.80 12.50
N SER A 455 3.01 -23.93 13.14
CA SER A 455 1.66 -24.45 13.03
CA SER A 455 1.65 -24.46 13.05
C SER A 455 0.64 -23.50 13.64
N HIS A 456 0.89 -23.05 14.87
CA HIS A 456 -0.01 -22.07 15.48
C HIS A 456 0.06 -20.74 14.72
N PHE A 457 1.26 -20.34 14.32
CA PHE A 457 1.45 -19.09 13.61
C PHE A 457 0.52 -18.98 12.40
N ARG A 458 0.22 -20.09 11.74
CA ARG A 458 -0.61 -20.06 10.54
CA ARG A 458 -0.62 -20.07 10.54
C ARG A 458 -1.98 -19.40 10.78
N ARG A 459 -2.46 -19.35 12.02
CA ARG A 459 -3.74 -18.71 12.29
CA ARG A 459 -3.75 -18.72 12.28
C ARG A 459 -3.75 -17.24 11.88
N TRP A 460 -2.58 -16.60 11.80
CA TRP A 460 -2.54 -15.23 11.30
C TRP A 460 -3.07 -15.11 9.88
N TYR A 461 -3.00 -16.16 9.09
CA TYR A 461 -3.49 -16.12 7.72
C TYR A 461 -5.00 -16.25 7.64
N SER A 462 -5.62 -16.84 8.67
CA SER A 462 -7.02 -17.18 8.59
CA SER A 462 -7.03 -17.24 8.66
C SER A 462 -7.92 -16.34 9.49
N GLN A 463 -7.37 -15.55 10.39
CA GLN A 463 -8.16 -14.78 11.33
C GLN A 463 -8.03 -13.30 11.03
N SER A 464 -9.17 -12.63 10.92
CA SER A 464 -9.20 -11.18 10.72
C SER A 464 -9.27 -10.45 12.06
N GLY A 465 -9.20 -9.13 12.00
CA GLY A 465 -9.28 -8.29 13.18
C GLY A 465 -7.92 -8.05 13.84
N THR A 466 -7.88 -7.02 14.67
CA THR A 466 -6.65 -6.61 15.36
C THR A 466 -6.62 -7.20 16.76
N PRO A 467 -5.66 -8.03 17.12
CA PRO A 467 -5.58 -8.48 18.50
C PRO A 467 -5.26 -7.34 19.44
N ILE A 468 -5.79 -7.44 20.65
CA ILE A 468 -5.49 -6.52 21.74
C ILE A 468 -4.69 -7.31 22.78
N VAL A 469 -3.49 -6.80 23.06
CA VAL A 469 -2.59 -7.41 24.02
C VAL A 469 -2.55 -6.52 25.25
N THR A 470 -2.94 -7.08 26.39
CA THR A 470 -3.00 -6.36 27.66
C THR A 470 -1.86 -6.85 28.53
N VAL A 471 -1.11 -5.92 29.10
CA VAL A 471 0.07 -6.24 29.91
C VAL A 471 -0.08 -5.60 31.28
N LYS A 472 0.14 -6.41 32.31
CA LYS A 472 0.30 -5.93 33.66
CA LYS A 472 0.30 -5.94 33.67
C LYS A 472 1.66 -6.39 34.16
N ASP A 473 2.26 -5.63 35.05
CA ASP A 473 3.58 -5.97 35.55
C ASP A 473 3.63 -5.92 37.07
N ASP A 474 4.66 -6.57 37.59
CA ASP A 474 4.88 -6.60 39.03
C ASP A 474 6.37 -6.76 39.28
N TYR A 475 6.90 -5.94 40.16
CA TYR A 475 8.29 -6.03 40.56
C TYR A 475 8.32 -6.46 42.03
N ASN A 476 9.02 -7.54 42.30
CA ASN A 476 9.13 -8.07 43.65
C ASN A 476 10.55 -7.80 44.17
N PRO A 477 10.71 -6.82 45.06
CA PRO A 477 12.06 -6.50 45.55
C PRO A 477 12.64 -7.57 46.44
N GLU A 478 11.82 -8.41 47.05
CA GLU A 478 12.36 -9.46 47.90
C GLU A 478 13.08 -10.51 47.08
N THR A 479 12.52 -10.88 45.93
CA THR A 479 13.10 -11.92 45.09
C THR A 479 13.86 -11.38 43.90
N GLU A 480 13.81 -10.06 43.68
CA GLU A 480 14.44 -9.44 42.51
C GLU A 480 13.92 -10.07 41.23
N GLN A 481 12.60 -10.23 41.17
CA GLN A 481 11.94 -10.78 40.00
C GLN A 481 10.96 -9.78 39.46
N TYR A 482 10.87 -9.73 38.13
CA TYR A 482 9.88 -8.92 37.45
C TYR A 482 8.99 -9.86 36.65
N THR A 483 7.68 -9.69 36.81
CA THR A 483 6.70 -10.57 36.18
C THR A 483 5.81 -9.75 35.24
N LEU A 484 5.72 -10.20 33.99
CA LEU A 484 4.74 -9.68 33.05
C LEU A 484 3.59 -10.67 32.93
N THR A 485 2.39 -10.18 33.15
CA THR A 485 1.18 -10.95 32.90
C THR A 485 0.57 -10.41 31.62
N ILE A 486 0.49 -11.26 30.60
CA ILE A 486 0.12 -10.81 29.26
C ILE A 486 -1.09 -11.59 28.81
N SER A 487 -2.12 -10.86 28.37
CA SER A 487 -3.37 -11.43 27.87
CA SER A 487 -3.32 -11.49 27.84
C SER A 487 -3.57 -10.98 26.43
N GLN A 488 -4.29 -11.78 25.67
CA GLN A 488 -4.66 -11.38 24.32
C GLN A 488 -6.12 -11.72 24.06
N ARG A 489 -6.73 -10.93 23.18
CA ARG A 489 -8.01 -11.30 22.61
CA ARG A 489 -8.03 -11.27 22.63
C ARG A 489 -8.17 -10.53 21.32
N THR A 490 -8.94 -11.09 20.40
CA THR A 490 -9.31 -10.42 19.17
C THR A 490 -10.82 -10.26 19.22
N PRO A 491 -11.35 -9.06 19.19
CA PRO A 491 -12.79 -8.90 19.11
C PRO A 491 -13.33 -9.54 17.84
N ALA A 492 -14.54 -10.06 17.93
CA ALA A 492 -15.24 -10.52 16.74
C ALA A 492 -15.30 -9.41 15.69
N THR A 493 -15.30 -9.82 14.44
CA THR A 493 -15.42 -8.92 13.30
C THR A 493 -16.66 -9.33 12.52
N PRO A 494 -17.15 -8.51 11.59
CA PRO A 494 -18.40 -8.85 10.91
C PRO A 494 -18.29 -10.08 10.05
N ASP A 495 -17.09 -10.43 9.60
CA ASP A 495 -16.86 -11.59 8.75
C ASP A 495 -16.64 -12.90 9.52
N GLN A 496 -16.33 -12.82 10.82
CA GLN A 496 -15.93 -13.99 11.62
C GLN A 496 -16.43 -13.87 13.05
N ALA A 497 -17.28 -14.81 13.44
CA ALA A 497 -17.77 -14.86 14.81
C ALA A 497 -16.84 -15.59 15.76
N GLU A 498 -15.95 -16.43 15.28
CA GLU A 498 -15.06 -17.20 16.15
CA GLU A 498 -15.05 -17.17 16.16
C GLU A 498 -13.65 -16.62 16.04
N LYS A 499 -13.06 -16.33 17.19
CA LYS A 499 -11.70 -15.86 17.25
C LYS A 499 -10.95 -16.74 18.25
N GLN A 500 -9.67 -16.96 17.96
CA GLN A 500 -8.80 -17.78 18.79
CA GLN A 500 -8.77 -17.80 18.75
C GLN A 500 -7.48 -17.04 19.05
N PRO A 501 -6.76 -17.44 20.09
CA PRO A 501 -5.44 -16.83 20.33
C PRO A 501 -4.48 -17.11 19.20
N LEU A 502 -3.59 -16.14 19.00
CA LEU A 502 -2.55 -16.17 17.99
C LEU A 502 -1.20 -16.41 18.64
N HIS A 503 -0.22 -16.78 17.80
CA HIS A 503 1.17 -16.81 18.21
C HIS A 503 1.75 -15.43 17.98
N ILE A 504 1.83 -14.65 19.06
CA ILE A 504 2.22 -13.24 18.98
C ILE A 504 3.67 -13.11 19.44
N PRO A 505 4.60 -12.74 18.55
CA PRO A 505 5.99 -12.46 18.99
C PRO A 505 6.00 -11.08 19.65
N PHE A 506 6.31 -11.06 20.94
CA PHE A 506 6.14 -9.87 21.76
C PHE A 506 7.51 -9.48 22.30
N ALA A 507 8.15 -8.53 21.65
CA ALA A 507 9.52 -8.15 21.98
C ALA A 507 9.55 -7.13 23.10
N ILE A 508 10.46 -7.33 24.06
CA ILE A 508 10.59 -6.42 25.19
C ILE A 508 12.04 -6.01 25.39
N GLU A 509 12.21 -4.94 26.17
CA GLU A 509 13.51 -4.56 26.72
CA GLU A 509 13.51 -4.52 26.70
C GLU A 509 13.25 -3.91 28.06
N LEU A 510 14.12 -4.18 29.03
CA LEU A 510 13.97 -3.64 30.39
C LEU A 510 15.11 -2.69 30.71
N TYR A 511 14.78 -1.52 31.26
CA TYR A 511 15.76 -0.49 31.55
C TYR A 511 15.86 -0.20 33.03
N ASP A 512 17.09 -0.11 33.53
N ASP A 512 17.10 -0.06 33.52
CA ASP A 512 17.27 0.42 34.87
CA ASP A 512 17.34 0.32 34.90
C ASP A 512 17.20 1.95 34.85
C ASP A 512 17.21 1.84 35.04
N ASN A 513 17.18 2.54 36.05
N ASN A 513 17.56 2.36 36.23
CA ASN A 513 16.82 3.96 36.12
CA ASN A 513 17.33 3.78 36.51
C ASN A 513 17.92 4.89 35.64
C ASN A 513 18.29 4.68 35.74
N GLU A 514 19.08 4.37 35.29
N GLU A 514 19.39 4.13 35.24
CA GLU A 514 20.07 5.15 34.56
CA GLU A 514 20.35 4.88 34.45
C GLU A 514 19.95 4.99 33.05
C GLU A 514 20.14 4.68 32.95
N GLY A 515 19.08 4.10 32.59
N GLY A 515 19.02 4.08 32.56
CA GLY A 515 18.91 3.87 31.16
CA GLY A 515 18.80 3.80 31.16
C GLY A 515 19.66 2.68 30.61
C GLY A 515 19.61 2.67 30.59
N LYS A 516 20.27 1.86 31.45
N LYS A 516 20.21 1.84 31.44
CA LYS A 516 20.99 0.68 30.99
CA LYS A 516 20.98 0.70 30.99
C LYS A 516 20.03 -0.48 30.82
C LYS A 516 20.08 -0.52 30.87
N VAL A 517 20.30 -1.31 29.83
CA VAL A 517 19.50 -2.50 29.60
C VAL A 517 19.78 -3.53 30.69
N ILE A 518 18.71 -4.12 31.23
CA ILE A 518 18.81 -5.20 32.21
C ILE A 518 18.79 -6.53 31.46
N PRO A 519 19.80 -7.38 31.63
CA PRO A 519 19.78 -8.67 30.94
C PRO A 519 18.57 -9.50 31.35
N LEU A 520 17.93 -10.12 30.35
CA LEU A 520 16.76 -10.97 30.57
C LEU A 520 17.22 -12.38 30.85
N GLN A 521 16.81 -12.92 31.99
CA GLN A 521 17.22 -14.27 32.37
C GLN A 521 16.22 -14.84 33.35
N LYS A 522 16.25 -16.16 33.48
CA LYS A 522 15.42 -16.87 34.44
CA LYS A 522 15.41 -16.87 34.43
C LYS A 522 16.09 -18.18 34.78
N GLY A 523 16.20 -18.48 36.08
CA GLY A 523 16.76 -19.75 36.52
C GLY A 523 18.19 -19.96 36.09
N GLY A 524 18.96 -18.90 35.93
CA GLY A 524 20.34 -19.03 35.55
C GLY A 524 20.59 -19.10 34.06
N HIS A 525 19.56 -18.90 33.23
CA HIS A 525 19.70 -19.00 31.79
C HIS A 525 19.17 -17.75 31.13
N PRO A 526 19.81 -17.27 30.07
CA PRO A 526 19.24 -16.15 29.33
C PRO A 526 17.88 -16.50 28.75
N VAL A 527 17.04 -15.49 28.65
CA VAL A 527 15.72 -15.57 28.04
C VAL A 527 15.73 -14.66 26.81
N ASN A 528 15.20 -15.16 25.71
CA ASN A 528 15.13 -14.36 24.49
C ASN A 528 14.19 -13.19 24.70
N SER A 529 14.54 -12.04 24.13
CA SER A 529 13.71 -10.85 24.32
C SER A 529 12.41 -10.89 23.52
N VAL A 530 12.26 -11.81 22.58
CA VAL A 530 11.00 -12.03 21.88
C VAL A 530 10.23 -13.08 22.67
N LEU A 531 9.20 -12.63 23.38
CA LEU A 531 8.37 -13.53 24.15
C LEU A 531 7.31 -14.13 23.23
N ASN A 532 7.07 -15.43 23.41
CA ASN A 532 6.05 -16.12 22.61
C ASN A 532 4.72 -16.07 23.37
N VAL A 533 3.88 -15.11 23.01
CA VAL A 533 2.57 -14.94 23.61
C VAL A 533 1.61 -15.77 22.78
N THR A 534 1.29 -16.98 23.26
CA THR A 534 0.53 -17.94 22.49
C THR A 534 -0.81 -18.30 23.12
N GLN A 535 -1.05 -17.90 24.36
CA GLN A 535 -2.25 -18.24 25.09
CA GLN A 535 -2.23 -18.24 25.13
C GLN A 535 -3.09 -17.00 25.33
N ALA A 536 -4.33 -17.24 25.78
CA ALA A 536 -5.19 -16.13 26.13
C ALA A 536 -4.60 -15.36 27.30
N GLU A 537 -3.94 -16.06 28.22
CA GLU A 537 -3.28 -15.42 29.35
CA GLU A 537 -3.31 -15.43 29.38
C GLU A 537 -2.06 -16.23 29.75
N GLN A 538 -0.98 -15.54 30.09
CA GLN A 538 0.23 -16.22 30.50
CA GLN A 538 0.31 -16.16 30.33
C GLN A 538 1.13 -15.23 31.23
N THR A 539 2.04 -15.79 31.99
CA THR A 539 2.98 -14.96 32.73
CA THR A 539 2.97 -15.04 32.82
C THR A 539 4.40 -15.30 32.33
N PHE A 540 5.24 -14.27 32.41
CA PHE A 540 6.66 -14.39 32.09
C PHE A 540 7.41 -13.80 33.27
N VAL A 541 8.30 -14.59 33.85
CA VAL A 541 9.04 -14.20 35.05
C VAL A 541 10.50 -14.03 34.68
N PHE A 542 11.09 -12.93 35.15
N PHE A 542 11.08 -12.92 35.11
CA PHE A 542 12.50 -12.63 34.92
CA PHE A 542 12.49 -12.59 34.90
C PHE A 542 13.22 -12.56 36.27
C PHE A 542 13.14 -12.34 36.24
N ASP A 543 14.40 -13.19 36.32
N ASP A 543 14.30 -12.96 36.47
CA ASP A 543 15.17 -13.25 37.56
CA ASP A 543 15.01 -12.81 37.72
C ASP A 543 16.30 -12.24 37.54
C ASP A 543 16.33 -12.05 37.50
N ASN A 544 16.87 -12.03 38.72
N ASN A 544 17.06 -11.82 38.58
CA ASN A 544 18.03 -11.14 38.86
CA ASN A 544 18.25 -10.98 38.52
C ASN A 544 17.72 -9.77 38.26
C ASN A 544 17.89 -9.60 37.96
N VAL A 545 16.56 -9.26 38.59
N VAL A 545 16.70 -9.14 38.29
CA VAL A 545 16.18 -7.89 38.27
CA VAL A 545 16.24 -7.81 37.90
C VAL A 545 16.39 -7.12 39.57
C VAL A 545 16.55 -6.92 39.10
N TYR A 546 17.51 -6.42 39.66
N TYR A 546 17.76 -6.35 39.10
CA TYR A 546 17.98 -5.92 40.95
CA TYR A 546 18.32 -5.66 40.26
C TYR A 546 17.34 -4.61 41.36
C TYR A 546 17.66 -4.33 40.55
N PHE A 547 16.77 -3.88 40.41
N PHE A 547 16.79 -3.84 39.68
CA PHE A 547 16.08 -2.63 40.70
CA PHE A 547 16.12 -2.58 39.89
C PHE A 547 14.89 -2.53 39.75
C PHE A 547 14.73 -2.69 39.27
N GLN A 548 13.84 -1.85 40.20
N GLN A 548 13.80 -1.92 39.79
CA GLN A 548 12.60 -1.79 39.43
CA GLN A 548 12.47 -1.88 39.21
C GLN A 548 12.89 -1.30 38.01
C GLN A 548 12.57 -1.34 37.79
N PRO A 549 12.34 -1.94 36.98
N PRO A 549 12.32 -2.18 36.78
CA PRO A 549 12.65 -1.53 35.61
CA PRO A 549 12.58 -1.74 35.40
C PRO A 549 11.55 -0.71 34.96
C PRO A 549 11.52 -0.77 34.91
N VAL A 550 11.93 0.00 33.91
CA VAL A 550 11.00 0.63 32.99
C VAL A 550 10.98 -0.24 31.75
N PRO A 551 9.84 -0.78 31.35
CA PRO A 551 9.83 -1.67 30.17
C PRO A 551 9.60 -0.91 28.89
N ALA A 552 10.26 -1.36 27.83
CA ALA A 552 9.83 -1.06 26.47
C ALA A 552 9.11 -2.30 25.97
N LEU A 553 7.89 -2.12 25.48
CA LEU A 553 7.01 -3.23 25.14
C LEU A 553 6.66 -3.18 23.66
N LEU A 554 6.51 -4.35 23.06
CA LEU A 554 6.17 -4.48 21.63
C LEU A 554 7.21 -3.74 20.78
N CYS A 555 8.48 -4.02 21.09
CA CYS A 555 9.57 -3.30 20.46
C CYS A 555 9.54 -3.50 18.94
N GLU A 556 9.85 -2.42 18.22
CA GLU A 556 9.81 -2.38 16.76
CA GLU A 556 9.83 -2.45 16.76
C GLU A 556 8.47 -2.84 16.20
N PHE A 557 7.41 -2.66 17.00
CA PHE A 557 6.04 -3.10 16.64
C PHE A 557 6.09 -4.56 16.21
N SER A 558 6.47 -5.41 17.17
CA SER A 558 6.88 -6.77 16.84
C SER A 558 5.73 -7.66 16.41
N ALA A 559 4.50 -7.23 16.65
CA ALA A 559 3.32 -7.91 16.12
C ALA A 559 2.28 -6.85 15.87
N PRO A 560 1.34 -7.08 14.93
CA PRO A 560 0.40 -6.02 14.55
C PRO A 560 -0.81 -6.05 15.47
N VAL A 561 -0.61 -5.47 16.65
CA VAL A 561 -1.56 -5.55 17.74
C VAL A 561 -1.70 -4.18 18.41
N LYS A 562 -2.82 -4.03 19.12
CA LYS A 562 -3.03 -2.92 20.04
CA LYS A 562 -3.03 -2.92 20.04
C LYS A 562 -2.48 -3.31 21.40
N LEU A 563 -1.70 -2.43 22.01
CA LEU A 563 -1.10 -2.68 23.31
C LEU A 563 -1.85 -1.89 24.37
N GLU A 564 -2.26 -2.57 25.44
CA GLU A 564 -2.87 -1.94 26.60
CA GLU A 564 -2.85 -1.91 26.59
C GLU A 564 -1.93 -2.14 27.79
N TYR A 565 -1.24 -1.08 28.18
CA TYR A 565 -0.40 -1.08 29.36
C TYR A 565 -0.58 0.28 30.01
N LYS A 566 -0.69 0.32 31.34
CA LYS A 566 -0.98 1.57 32.06
CA LYS A 566 -0.97 1.57 32.05
C LYS A 566 0.32 2.34 32.32
N TRP A 567 0.86 2.91 31.25
CA TRP A 567 2.03 3.77 31.35
C TRP A 567 1.78 4.97 32.26
N SER A 568 2.80 5.34 33.05
CA SER A 568 2.85 6.68 33.61
C SER A 568 3.52 7.61 32.60
N ASP A 569 3.24 8.91 32.73
CA ASP A 569 3.86 9.87 31.82
C ASP A 569 5.39 9.81 31.96
N GLN A 570 5.87 9.58 33.19
CA GLN A 570 7.31 9.61 33.40
CA GLN A 570 7.30 9.56 33.50
C GLN A 570 7.98 8.37 32.85
N GLN A 571 7.32 7.22 32.82
CA GLN A 571 7.90 6.08 32.14
C GLN A 571 8.11 6.42 30.67
N LEU A 572 7.12 7.09 30.08
CA LEU A 572 7.19 7.39 28.65
C LEU A 572 8.23 8.44 28.34
N THR A 573 8.33 9.49 29.16
CA THR A 573 9.38 10.47 28.88
C THR A 573 10.77 9.87 29.14
N PHE A 574 10.87 8.96 30.10
CA PHE A 574 12.10 8.23 30.31
C PHE A 574 12.49 7.47 29.03
N LEU A 575 11.54 6.76 28.43
CA LEU A 575 11.85 6.03 27.20
C LEU A 575 12.21 6.97 26.06
N MET A 576 11.56 8.14 26.00
CA MET A 576 11.92 9.11 24.98
C MET A 576 13.36 9.57 25.12
N ARG A 577 13.90 9.55 26.35
CA ARG A 577 15.28 9.97 26.59
C ARG A 577 16.26 8.81 26.49
N HIS A 578 15.85 7.58 26.80
CA HIS A 578 16.81 6.51 27.01
C HIS A 578 16.65 5.27 26.15
N ALA A 579 15.51 5.05 25.51
CA ALA A 579 15.34 3.77 24.83
C ALA A 579 16.40 3.60 23.74
N ARG A 580 16.90 2.38 23.61
CA ARG A 580 18.03 2.12 22.71
CA ARG A 580 18.02 2.11 22.72
C ARG A 580 17.62 2.20 21.24
N ASN A 581 16.43 1.73 20.88
CA ASN A 581 16.01 1.75 19.49
CA ASN A 581 16.00 1.73 19.50
C ASN A 581 15.19 3.01 19.23
N ASP A 582 15.56 3.70 18.16
CA ASP A 582 14.86 4.94 17.83
C ASP A 582 13.36 4.74 17.72
N PHE A 583 12.93 3.58 17.21
CA PHE A 583 11.50 3.36 17.09
C PHE A 583 10.81 3.47 18.46
N SER A 584 11.45 2.94 19.51
CA SER A 584 10.83 2.95 20.85
C SER A 584 10.67 4.36 21.36
N ARG A 585 11.61 5.24 21.05
CA ARG A 585 11.51 6.62 21.50
CA ARG A 585 11.50 6.63 21.48
C ARG A 585 10.31 7.30 20.84
N TRP A 586 10.11 7.07 19.54
CA TRP A 586 8.95 7.61 18.85
C TRP A 586 7.67 7.01 19.42
N ASP A 587 7.66 5.70 19.62
CA ASP A 587 6.46 5.01 20.09
C ASP A 587 6.05 5.51 21.47
N ALA A 588 7.03 5.75 22.35
CA ALA A 588 6.72 6.29 23.67
C ALA A 588 6.08 7.66 23.55
N ALA A 589 6.58 8.50 22.65
CA ALA A 589 5.95 9.80 22.42
C ALA A 589 4.51 9.64 21.94
N GLN A 590 4.24 8.64 21.11
CA GLN A 590 2.87 8.42 20.65
C GLN A 590 1.95 8.05 21.79
N SER A 591 2.43 7.19 22.70
CA SER A 591 1.63 6.81 23.86
C SER A 591 1.38 8.00 24.76
N LEU A 592 2.38 8.86 24.91
CA LEU A 592 2.23 10.04 25.75
C LEU A 592 1.18 10.97 25.17
N LEU A 593 1.26 11.22 23.86
CA LEU A 593 0.28 12.07 23.21
C LEU A 593 -1.11 11.47 23.26
N ALA A 594 -1.22 10.15 23.11
CA ALA A 594 -2.54 9.53 23.04
C ALA A 594 -3.41 9.91 24.23
N THR A 595 -2.83 9.86 25.44
CA THR A 595 -3.60 10.20 26.64
C THR A 595 -4.21 11.58 26.52
N TYR A 596 -3.44 12.55 26.03
CA TYR A 596 -3.87 13.93 26.01
C TYR A 596 -4.71 14.25 24.78
N ILE A 597 -4.56 13.49 23.69
CA ILE A 597 -5.51 13.59 22.59
C ILE A 597 -6.89 13.14 23.06
N LYS A 598 -6.93 12.02 23.77
CA LYS A 598 -8.21 11.55 24.28
C LYS A 598 -8.81 12.55 25.29
N LEU A 599 -7.99 13.04 26.21
CA LEU A 599 -8.45 14.03 27.19
C LEU A 599 -9.10 15.19 26.46
N ASN A 600 -8.40 15.72 25.46
CA ASN A 600 -8.84 16.96 24.84
C ASN A 600 -9.98 16.80 23.85
N VAL A 601 -10.14 15.62 23.25
CA VAL A 601 -11.35 15.38 22.48
C VAL A 601 -12.57 15.38 23.40
N ALA A 602 -12.48 14.74 24.57
CA ALA A 602 -13.59 14.77 25.52
C ALA A 602 -13.88 16.20 25.93
N ARG A 603 -12.83 16.98 26.18
CA ARG A 603 -13.02 18.39 26.52
C ARG A 603 -13.71 19.16 25.40
N HIS A 604 -13.28 18.94 24.17
CA HIS A 604 -13.88 19.64 23.03
C HIS A 604 -15.38 19.40 22.99
N GLN A 605 -15.79 18.16 23.23
CA GLN A 605 -17.20 17.81 23.19
C GLN A 605 -18.00 18.50 24.28
N GLN A 606 -17.33 18.96 25.34
CA GLN A 606 -18.01 19.72 26.39
CA GLN A 606 -17.91 19.71 26.45
C GLN A 606 -17.71 21.21 26.30
N GLY A 607 -17.15 21.67 25.19
CA GLY A 607 -16.92 23.08 24.95
C GLY A 607 -15.74 23.64 25.70
N GLN A 608 -14.79 22.79 26.09
CA GLN A 608 -13.70 23.24 26.94
CA GLN A 608 -13.69 23.21 26.95
C GLN A 608 -12.40 23.25 26.15
N PRO A 609 -11.53 24.21 26.43
CA PRO A 609 -10.31 24.36 25.64
C PRO A 609 -9.22 23.37 26.04
N LEU A 610 -8.21 23.29 25.18
CA LEU A 610 -7.13 22.35 25.37
C LEU A 610 -6.48 22.50 26.73
N SER A 611 -6.15 21.35 27.34
CA SER A 611 -5.41 21.27 28.60
C SER A 611 -4.25 20.30 28.40
N LEU A 612 -3.04 20.73 28.74
CA LEU A 612 -1.85 19.90 28.51
C LEU A 612 -0.87 20.16 29.63
N PRO A 613 -0.48 19.15 30.40
CA PRO A 613 0.48 19.39 31.47
C PRO A 613 1.78 19.94 30.91
N VAL A 614 2.37 20.83 31.70
CA VAL A 614 3.65 21.43 31.37
CA VAL A 614 3.65 21.42 31.33
C VAL A 614 4.70 20.36 31.02
N HIS A 615 4.72 19.28 31.78
CA HIS A 615 5.77 18.28 31.58
C HIS A 615 5.65 17.57 30.23
N VAL A 616 4.48 17.58 29.60
CA VAL A 616 4.36 17.01 28.26
C VAL A 616 5.05 17.90 27.23
N ALA A 617 4.72 19.20 27.23
CA ALA A 617 5.45 20.13 26.36
C ALA A 617 6.95 20.03 26.58
N ASP A 618 7.36 19.89 27.83
CA ASP A 618 8.80 19.83 28.09
C ASP A 618 9.46 18.61 27.49
N ALA A 619 8.75 17.47 27.39
CA ALA A 619 9.34 16.32 26.73
C ALA A 619 9.66 16.62 25.27
N PHE A 620 8.79 17.37 24.59
CA PHE A 620 9.06 17.74 23.20
C PHE A 620 10.12 18.81 23.10
N ARG A 621 10.16 19.74 24.05
CA ARG A 621 11.26 20.70 24.12
C ARG A 621 12.59 19.97 24.19
N ALA A 622 12.66 18.90 25.00
CA ALA A 622 13.90 18.18 25.15
C ALA A 622 14.31 17.51 23.84
N VAL A 623 13.34 16.99 23.07
CA VAL A 623 13.66 16.42 21.78
C VAL A 623 14.27 17.47 20.86
N LEU A 624 13.69 18.67 20.83
CA LEU A 624 14.23 19.75 20.00
C LEU A 624 15.66 20.09 20.36
N LEU A 625 15.97 20.06 21.66
CA LEU A 625 17.26 20.54 22.12
C LEU A 625 18.30 19.44 22.27
N ASP A 626 17.95 18.19 21.98
CA ASP A 626 18.89 17.08 22.13
C ASP A 626 19.76 16.97 20.88
N GLU A 627 21.02 17.36 21.03
CA GLU A 627 21.99 17.31 19.95
CA GLU A 627 21.94 17.30 19.91
C GLU A 627 22.30 15.88 19.51
N LYS A 628 22.08 14.91 20.35
CA LYS A 628 22.51 13.55 20.02
CA LYS A 628 22.48 13.53 20.06
C LYS A 628 21.43 12.76 19.29
N ILE A 629 20.19 13.23 19.21
CA ILE A 629 19.14 12.50 18.53
CA ILE A 629 19.13 12.50 18.53
C ILE A 629 19.30 12.67 17.02
N ASP A 630 19.11 11.59 16.28
CA ASP A 630 19.13 11.64 14.83
C ASP A 630 18.03 12.60 14.37
N PRO A 631 18.35 13.60 13.55
CA PRO A 631 17.28 14.50 13.06
C PRO A 631 16.14 13.77 12.42
N ALA A 632 16.41 12.62 11.79
CA ALA A 632 15.33 11.84 11.17
C ALA A 632 14.30 11.40 12.21
N LEU A 633 14.78 11.00 13.39
CA LEU A 633 13.89 10.58 14.46
C LEU A 633 13.20 11.79 15.09
N ALA A 634 13.96 12.85 15.37
CA ALA A 634 13.36 14.04 15.96
C ALA A 634 12.21 14.53 15.10
N ALA A 635 12.39 14.53 13.77
CA ALA A 635 11.34 15.02 12.88
C ALA A 635 10.05 14.22 13.04
N GLU A 636 10.17 12.90 13.18
CA GLU A 636 8.98 12.06 13.32
CA GLU A 636 8.97 12.08 13.31
C GLU A 636 8.33 12.25 14.68
N ILE A 637 9.13 12.41 15.73
CA ILE A 637 8.55 12.69 17.05
C ILE A 637 7.78 13.99 17.02
N LEU A 638 8.26 14.97 16.27
CA LEU A 638 7.65 16.27 16.14
C LEU A 638 6.58 16.33 15.04
N THR A 639 6.20 15.20 14.48
CA THR A 639 5.09 15.12 13.52
C THR A 639 3.92 14.49 14.27
N LEU A 640 2.87 15.27 14.52
CA LEU A 640 1.77 14.77 15.31
C LEU A 640 1.03 13.67 14.54
N PRO A 641 0.41 12.73 15.24
CA PRO A 641 -0.43 11.73 14.57
C PRO A 641 -1.47 12.40 13.68
N SER A 642 -1.72 11.78 12.52
CA SER A 642 -2.72 12.27 11.59
C SER A 642 -4.13 12.11 12.17
N VAL A 643 -5.10 12.78 11.56
CA VAL A 643 -6.48 12.63 12.01
C VAL A 643 -6.96 11.18 11.90
N ASN A 644 -6.43 10.43 10.94
CA ASN A 644 -6.81 9.02 10.83
C ASN A 644 -6.15 8.17 11.93
N GLU A 645 -4.89 8.48 12.27
CA GLU A 645 -4.28 7.82 13.43
C GLU A 645 -5.03 8.16 14.71
N MET A 646 -5.43 9.42 14.88
CA MET A 646 -6.15 9.82 16.08
CA MET A 646 -6.15 9.81 16.08
C MET A 646 -7.50 9.11 16.19
N ALA A 647 -8.19 8.91 15.06
CA ALA A 647 -9.50 8.29 15.12
C ALA A 647 -9.45 6.91 15.73
N GLU A 648 -8.36 6.17 15.49
CA GLU A 648 -8.26 4.80 15.99
CA GLU A 648 -8.36 4.81 16.00
C GLU A 648 -8.13 4.74 17.50
N LEU A 649 -7.94 5.88 18.16
CA LEU A 649 -7.90 5.91 19.61
C LEU A 649 -9.29 5.85 20.24
N PHE A 650 -10.35 5.95 19.43
CA PHE A 650 -11.69 6.18 19.96
C PHE A 650 -12.66 5.12 19.52
N ASP A 651 -13.59 4.80 20.41
CA ASP A 651 -14.67 3.87 20.09
CA ASP A 651 -14.66 3.86 20.08
C ASP A 651 -15.64 4.47 19.08
N ILE A 652 -16.05 5.70 19.30
CA ILE A 652 -16.89 6.43 18.38
C ILE A 652 -16.09 7.64 17.92
N ILE A 653 -15.95 7.78 16.62
CA ILE A 653 -15.14 8.85 16.06
C ILE A 653 -15.95 10.13 16.01
N ASP A 654 -15.37 11.21 16.57
CA ASP A 654 -15.91 12.57 16.45
C ASP A 654 -14.91 13.32 15.58
N PRO A 655 -15.13 13.36 14.26
CA PRO A 655 -14.08 13.88 13.37
C PRO A 655 -13.85 15.37 13.51
N ILE A 656 -14.88 16.12 13.89
CA ILE A 656 -14.69 17.54 14.09
C ILE A 656 -13.85 17.80 15.34
N ALA A 657 -14.18 17.14 16.47
CA ALA A 657 -13.35 17.26 17.67
C ALA A 657 -11.91 16.87 17.39
N ILE A 658 -11.69 15.78 16.67
CA ILE A 658 -10.34 15.33 16.39
C ILE A 658 -9.57 16.39 15.60
N ALA A 659 -10.19 16.94 14.55
CA ALA A 659 -9.50 17.92 13.73
C ALA A 659 -9.19 19.17 14.54
N GLU A 660 -10.14 19.62 15.34
CA GLU A 660 -9.94 20.85 16.07
CA GLU A 660 -9.97 20.85 16.11
C GLU A 660 -8.94 20.66 17.22
N VAL A 661 -8.94 19.49 17.85
CA VAL A 661 -7.94 19.19 18.86
C VAL A 661 -6.55 19.12 18.24
N ARG A 662 -6.45 18.53 17.04
CA ARG A 662 -5.13 18.44 16.41
C ARG A 662 -4.58 19.84 16.16
N GLU A 663 -5.43 20.74 15.67
CA GLU A 663 -4.98 22.12 15.48
C GLU A 663 -4.65 22.78 16.79
N ALA A 664 -5.48 22.60 17.81
CA ALA A 664 -5.24 23.26 19.10
C ALA A 664 -3.95 22.76 19.72
N LEU A 665 -3.67 21.47 19.60
CA LEU A 665 -2.43 20.91 20.13
C LEU A 665 -1.22 21.49 19.38
N THR A 666 -1.34 21.61 18.06
CA THR A 666 -0.30 22.25 17.26
C THR A 666 -0.07 23.68 17.75
N ARG A 667 -1.15 24.44 17.96
CA ARG A 667 -1.03 25.83 18.40
CA ARG A 667 -1.01 25.83 18.39
C ARG A 667 -0.40 25.93 19.78
N THR A 668 -0.78 25.04 20.70
CA THR A 668 -0.23 25.10 22.04
C THR A 668 1.25 24.80 22.04
N LEU A 669 1.66 23.77 21.31
CA LEU A 669 3.08 23.47 21.21
C LEU A 669 3.82 24.58 20.49
N ALA A 670 3.20 25.18 19.47
CA ALA A 670 3.85 26.30 18.77
C ALA A 670 4.13 27.44 19.73
N THR A 671 3.19 27.73 20.62
CA THR A 671 3.37 28.83 21.56
C THR A 671 4.40 28.48 22.62
N GLU A 672 4.31 27.28 23.20
CA GLU A 672 5.20 26.92 24.30
CA GLU A 672 5.20 26.92 24.30
C GLU A 672 6.63 26.71 23.82
N LEU A 673 6.80 26.29 22.57
CA LEU A 673 8.12 25.93 22.04
C LEU A 673 8.61 26.94 20.99
N ALA A 674 8.02 28.13 20.94
CA ALA A 674 8.29 29.06 19.84
C ALA A 674 9.77 29.34 19.64
N ASP A 675 10.52 29.60 20.72
CA ASP A 675 11.92 29.96 20.55
C ASP A 675 12.75 28.77 20.08
N GLU A 676 12.52 27.59 20.68
CA GLU A 676 13.27 26.41 20.30
C GLU A 676 12.94 25.98 18.88
N LEU A 677 11.67 26.06 18.49
CA LEU A 677 11.28 25.71 17.12
C LEU A 677 12.00 26.58 16.11
N LEU A 678 12.09 27.87 16.36
CA LEU A 678 12.74 28.75 15.40
C LEU A 678 14.24 28.48 15.35
N ALA A 679 14.86 28.23 16.51
CA ALA A 679 16.28 27.93 16.52
C ALA A 679 16.58 26.67 15.72
N ILE A 680 15.76 25.63 15.85
CA ILE A 680 16.02 24.38 15.14
C ILE A 680 15.69 24.53 13.65
N TYR A 681 14.64 25.28 13.33
CA TYR A 681 14.34 25.61 11.95
C TYR A 681 15.54 26.26 11.27
N ASN A 682 16.13 27.25 11.93
CA ASN A 682 17.26 27.95 11.34
C ASN A 682 18.51 27.08 11.29
N ALA A 683 18.71 26.26 12.32
CA ALA A 683 19.92 25.46 12.37
C ALA A 683 19.96 24.41 11.28
N ASN A 684 18.80 24.02 10.77
CA ASN A 684 18.72 22.96 9.77
C ASN A 684 18.56 23.48 8.36
N TYR A 685 18.73 24.79 8.15
CA TYR A 685 18.79 25.34 6.81
C TYR A 685 19.90 24.68 5.99
N GLN A 686 19.59 24.38 4.73
CA GLN A 686 20.55 23.83 3.77
C GLN A 686 20.48 24.63 2.47
N SER A 687 21.59 25.24 2.06
CA SER A 687 21.59 25.95 0.79
C SER A 687 21.64 25.00 -0.40
N GLU A 688 22.37 23.89 -0.32
CA GLU A 688 22.38 22.91 -1.40
C GLU A 688 21.21 21.95 -1.20
N TYR A 689 20.53 21.61 -2.29
CA TYR A 689 19.50 20.57 -2.27
C TYR A 689 20.09 19.26 -2.81
N ARG A 690 19.99 18.20 -2.02
CA ARG A 690 20.43 16.88 -2.44
C ARG A 690 19.40 15.85 -2.01
N VAL A 691 19.15 14.88 -2.88
CA VAL A 691 18.33 13.71 -2.53
C VAL A 691 19.29 12.70 -1.90
N GLU A 692 19.63 12.97 -0.64
CA GLU A 692 20.54 12.16 0.14
C GLU A 692 19.92 12.06 1.53
N HIS A 693 20.01 10.89 2.15
CA HIS A 693 19.24 10.61 3.36
C HIS A 693 19.55 11.57 4.51
N GLU A 694 20.82 11.95 4.71
CA GLU A 694 21.10 12.88 5.80
CA GLU A 694 21.14 12.89 5.78
C GLU A 694 20.47 14.24 5.53
N ASP A 695 20.52 14.70 4.27
CA ASP A 695 19.91 15.98 3.93
C ASP A 695 18.40 15.90 4.04
N ILE A 696 17.81 14.78 3.63
CA ILE A 696 16.37 14.62 3.74
C ILE A 696 15.94 14.69 5.19
N ALA A 697 16.71 14.08 6.08
CA ALA A 697 16.36 14.10 7.51
C ALA A 697 16.38 15.52 8.06
N LYS A 698 17.44 16.29 7.76
CA LYS A 698 17.51 17.66 8.24
C LYS A 698 16.35 18.49 7.71
N ARG A 699 16.00 18.28 6.45
CA ARG A 699 14.87 19.00 5.87
C ARG A 699 13.55 18.57 6.51
N THR A 700 13.39 17.27 6.80
CA THR A 700 12.14 16.83 7.47
CA THR A 700 12.16 16.85 7.44
C THR A 700 12.03 17.46 8.83
N LEU A 701 13.16 17.62 9.54
CA LEU A 701 13.13 18.25 10.85
C LEU A 701 12.81 19.74 10.73
N ARG A 702 13.47 20.43 9.79
CA ARG A 702 13.21 21.84 9.57
CA ARG A 702 13.21 21.84 9.57
C ARG A 702 11.74 22.07 9.24
N ASN A 703 11.19 21.25 8.34
CA ASN A 703 9.80 21.42 7.94
C ASN A 703 8.82 20.95 9.00
N ALA A 704 9.21 20.02 9.87
CA ALA A 704 8.38 19.69 11.03
C ALA A 704 8.26 20.90 11.94
N CYS A 705 9.37 21.63 12.14
CA CYS A 705 9.31 22.85 12.95
C CYS A 705 8.44 23.90 12.27
N LEU A 706 8.54 24.01 10.94
CA LEU A 706 7.75 24.98 10.20
C LEU A 706 6.27 24.79 10.45
N ARG A 707 5.80 23.53 10.55
CA ARG A 707 4.37 23.30 10.77
C ARG A 707 3.89 24.01 12.02
N PHE A 708 4.69 23.98 13.08
CA PHE A 708 4.31 24.66 14.31
C PHE A 708 4.52 26.17 14.19
N LEU A 709 5.65 26.58 13.58
CA LEU A 709 5.90 28.01 13.41
C LEU A 709 4.80 28.70 12.61
N ALA A 710 4.15 27.98 11.70
CA ALA A 710 3.03 28.55 10.96
C ALA A 710 1.90 29.00 11.86
N PHE A 711 1.81 28.47 13.08
CA PHE A 711 0.82 28.86 14.06
C PHE A 711 1.36 29.85 15.10
N GLY A 712 2.52 30.44 14.85
CA GLY A 712 3.00 31.53 15.69
C GLY A 712 2.17 32.79 15.46
N GLU A 713 2.66 33.88 16.05
N GLU A 713 2.66 33.90 16.04
CA GLU A 713 2.05 35.19 15.82
CA GLU A 713 2.01 35.18 15.81
C GLU A 713 1.97 35.45 14.32
C GLU A 713 1.84 35.40 14.32
N THR A 714 0.81 35.91 13.86
N THR A 714 0.66 35.89 13.94
CA THR A 714 0.52 35.95 12.43
CA THR A 714 0.21 35.78 12.56
C THR A 714 1.61 36.69 11.67
C THR A 714 1.20 36.40 11.58
N HIS A 715 2.00 37.88 12.15
N HIS A 715 1.71 37.59 11.88
CA HIS A 715 2.95 38.69 11.40
CA HIS A 715 2.61 38.25 10.93
C HIS A 715 4.30 38.01 11.26
C HIS A 715 3.97 37.56 10.87
N LEU A 716 4.70 37.17 12.22
N LEU A 716 4.55 37.22 12.02
CA LEU A 716 5.92 36.39 12.06
CA LEU A 716 5.81 36.46 12.02
C LEU A 716 5.69 35.19 11.16
C LEU A 716 5.67 35.21 11.15
N ALA A 717 4.59 34.46 11.37
CA ALA A 717 4.37 33.24 10.63
C ALA A 717 4.19 33.51 9.14
N ASP A 718 3.41 34.54 8.81
CA ASP A 718 3.12 34.82 7.41
C ASP A 718 4.41 35.12 6.66
N VAL A 719 5.28 35.93 7.27
CA VAL A 719 6.55 36.27 6.63
C VAL A 719 7.43 35.04 6.47
N LEU A 720 7.55 34.25 7.53
CA LEU A 720 8.41 33.07 7.49
CA LEU A 720 8.42 33.08 7.48
C LEU A 720 7.95 32.10 6.41
N VAL A 721 6.65 31.84 6.36
CA VAL A 721 6.12 30.87 5.41
C VAL A 721 6.24 31.38 3.98
N SER A 722 5.84 32.62 3.74
CA SER A 722 5.92 33.17 2.39
CA SER A 722 5.92 33.14 2.38
C SER A 722 7.38 33.20 1.90
N LYS A 723 8.30 33.56 2.79
CA LYS A 723 9.72 33.57 2.42
C LYS A 723 10.17 32.18 2.00
N GLN A 724 9.83 31.15 2.78
CA GLN A 724 10.26 29.80 2.40
C GLN A 724 9.70 29.40 1.04
N PHE A 725 8.43 29.73 0.78
CA PHE A 725 7.83 29.39 -0.50
C PHE A 725 8.58 30.05 -1.64
N HIS A 726 8.86 31.35 -1.51
CA HIS A 726 9.43 32.11 -2.60
C HIS A 726 10.92 31.84 -2.79
N GLU A 727 11.64 31.48 -1.73
CA GLU A 727 13.07 31.24 -1.80
C GLU A 727 13.44 29.77 -1.99
N ALA A 728 12.47 28.86 -1.90
CA ALA A 728 12.75 27.43 -2.01
C ALA A 728 13.46 27.12 -3.33
N ASN A 729 14.49 26.28 -3.26
CA ASN A 729 15.16 25.79 -4.45
C ASN A 729 14.79 24.36 -4.77
N ASN A 730 13.67 23.88 -4.23
CA ASN A 730 13.23 22.51 -4.43
C ASN A 730 11.77 22.45 -4.02
N MET A 731 11.06 21.45 -4.55
CA MET A 731 9.63 21.35 -4.29
C MET A 731 9.32 20.91 -2.86
N THR A 732 10.22 20.16 -2.20
CA THR A 732 9.95 19.78 -0.81
C THR A 732 9.71 21.00 0.03
N ASP A 733 10.61 21.98 -0.05
CA ASP A 733 10.51 23.16 0.80
C ASP A 733 9.38 24.07 0.34
N ALA A 734 9.15 24.17 -0.96
CA ALA A 734 8.03 24.99 -1.45
C ALA A 734 6.69 24.41 -0.99
N LEU A 735 6.52 23.10 -1.14
CA LEU A 735 5.25 22.49 -0.75
C LEU A 735 5.06 22.54 0.76
N ALA A 736 6.14 22.41 1.53
CA ALA A 736 5.99 22.50 2.98
C ALA A 736 5.45 23.87 3.37
N ALA A 737 5.97 24.92 2.73
CA ALA A 737 5.49 26.27 3.02
C ALA A 737 4.04 26.45 2.57
N LEU A 738 3.72 25.98 1.37
CA LEU A 738 2.35 26.13 0.89
C LEU A 738 1.39 25.40 1.80
N SER A 739 1.77 24.18 2.22
CA SER A 739 0.90 23.40 3.08
CA SER A 739 0.90 23.39 3.10
C SER A 739 0.67 24.11 4.42
N ALA A 740 1.71 24.76 4.94
CA ALA A 740 1.58 25.50 6.19
C ALA A 740 0.66 26.71 6.03
N ALA A 741 0.76 27.41 4.89
CA ALA A 741 -0.13 28.54 4.66
C ALA A 741 -1.59 28.11 4.63
N VAL A 742 -1.87 26.95 4.03
CA VAL A 742 -3.23 26.43 4.02
C VAL A 742 -3.64 25.97 5.41
N ALA A 743 -2.77 25.23 6.10
CA ALA A 743 -3.13 24.66 7.39
C ALA A 743 -3.45 25.74 8.41
N ALA A 744 -2.69 26.82 8.41
CA ALA A 744 -2.86 27.88 9.39
C ALA A 744 -3.70 29.03 8.86
N GLN A 745 -4.24 28.91 7.65
CA GLN A 745 -5.09 29.94 7.07
C GLN A 745 -4.40 31.31 7.10
N LEU A 746 -3.14 31.31 6.69
CA LEU A 746 -2.35 32.54 6.79
C LEU A 746 -2.74 33.55 5.72
N PRO A 747 -2.47 34.83 5.97
CA PRO A 747 -2.80 35.86 4.97
C PRO A 747 -2.28 35.58 3.58
N CYS A 748 -1.08 35.03 3.44
CA CYS A 748 -0.47 34.82 2.14
C CYS A 748 -1.08 33.63 1.38
N ARG A 749 -1.97 32.86 2.01
CA ARG A 749 -2.40 31.60 1.41
C ARG A 749 -2.92 31.78 -0.02
N ASP A 750 -3.88 32.68 -0.22
CA ASP A 750 -4.52 32.77 -1.52
C ASP A 750 -3.52 33.17 -2.60
N ALA A 751 -2.62 34.09 -2.28
CA ALA A 751 -1.61 34.48 -3.26
C ALA A 751 -0.69 33.31 -3.61
N LEU A 752 -0.22 32.57 -2.60
CA LEU A 752 0.68 31.45 -2.91
C LEU A 752 -0.02 30.37 -3.70
N MET A 753 -1.28 30.08 -3.35
CA MET A 753 -2.02 29.04 -4.06
C MET A 753 -2.23 29.44 -5.50
N GLN A 754 -2.50 30.73 -5.75
CA GLN A 754 -2.66 31.18 -7.14
C GLN A 754 -1.33 31.14 -7.89
N GLU A 755 -0.24 31.55 -7.24
CA GLU A 755 1.07 31.48 -7.89
C GLU A 755 1.40 30.06 -8.31
N TYR A 756 1.10 29.11 -7.44
CA TYR A 756 1.42 27.71 -7.74
C TYR A 756 0.60 27.22 -8.94
N ASP A 757 -0.71 27.52 -8.96
CA ASP A 757 -1.57 27.18 -10.07
C ASP A 757 -1.02 27.79 -11.37
N ASP A 758 -0.72 29.08 -11.34
CA ASP A 758 -0.25 29.73 -12.57
C ASP A 758 1.05 29.11 -13.09
N LYS A 759 1.93 28.68 -12.19
CA LYS A 759 3.20 28.09 -12.61
C LYS A 759 3.04 26.66 -13.09
N TRP A 760 2.17 25.88 -12.43
CA TRP A 760 2.21 24.43 -12.54
C TRP A 760 0.99 23.79 -13.18
N HIS A 761 0.01 24.57 -13.65
CA HIS A 761 -1.27 23.99 -14.05
C HIS A 761 -1.16 22.97 -15.17
N GLN A 762 -0.11 23.02 -15.99
CA GLN A 762 0.03 22.08 -17.07
CA GLN A 762 0.09 22.09 -17.08
C GLN A 762 0.67 20.75 -16.63
N ASN A 763 1.10 20.65 -15.38
CA ASN A 763 1.77 19.45 -14.85
C ASN A 763 0.83 18.77 -13.86
N GLY A 764 0.21 17.68 -14.29
CA GLY A 764 -0.81 17.06 -13.46
C GLY A 764 -0.27 16.51 -12.16
N LEU A 765 0.94 15.91 -12.19
CA LEU A 765 1.49 15.35 -10.96
C LEU A 765 1.74 16.43 -9.93
N VAL A 766 2.20 17.59 -10.38
CA VAL A 766 2.43 18.69 -9.46
C VAL A 766 1.09 19.24 -8.97
N MET A 767 0.11 19.36 -9.86
CA MET A 767 -1.18 19.88 -9.43
C MET A 767 -1.89 18.95 -8.46
N ASP A 768 -1.60 17.65 -8.51
CA ASP A 768 -2.19 16.73 -7.53
C ASP A 768 -1.89 17.20 -6.11
N LYS A 769 -0.68 17.73 -5.87
CA LYS A 769 -0.33 18.21 -4.53
CA LYS A 769 -0.35 18.20 -4.52
C LYS A 769 -1.22 19.36 -4.12
N TRP A 770 -1.54 20.23 -5.07
CA TRP A 770 -2.37 21.40 -4.84
C TRP A 770 -3.82 20.99 -4.63
N PHE A 771 -4.32 20.02 -5.40
CA PHE A 771 -5.67 19.52 -5.17
C PHE A 771 -5.78 18.90 -3.78
N ILE A 772 -4.77 18.15 -3.34
CA ILE A 772 -4.79 17.60 -1.98
C ILE A 772 -4.89 18.71 -0.95
N LEU A 773 -4.10 19.77 -1.12
CA LEU A 773 -4.17 20.87 -0.16
C LEU A 773 -5.54 21.53 -0.17
N GLN A 774 -6.14 21.71 -1.36
CA GLN A 774 -7.49 22.27 -1.41
C GLN A 774 -8.47 21.37 -0.69
N ALA A 775 -8.39 20.07 -0.93
CA ALA A 775 -9.35 19.12 -0.39
C ALA A 775 -9.24 18.95 1.11
N THR A 776 -8.04 19.15 1.67
CA THR A 776 -7.78 18.96 3.09
C THR A 776 -7.72 20.27 3.84
N SER A 777 -8.15 21.35 3.20
CA SER A 777 -8.09 22.67 3.82
C SER A 777 -9.02 22.76 5.03
N PRO A 778 -8.61 23.45 6.09
CA PRO A 778 -9.50 23.71 7.24
C PRO A 778 -10.49 24.84 7.01
N ALA A 779 -10.44 25.49 5.86
CA ALA A 779 -11.33 26.61 5.59
C ALA A 779 -12.79 26.19 5.68
N ALA A 780 -13.64 27.09 6.17
CA ALA A 780 -15.07 26.80 6.33
C ALA A 780 -15.71 26.46 5.00
N ASN A 781 -15.22 27.05 3.90
CA ASN A 781 -15.84 26.88 2.60
C ASN A 781 -15.18 25.80 1.74
N VAL A 782 -14.51 24.83 2.37
CA VAL A 782 -13.74 23.83 1.64
C VAL A 782 -14.60 23.09 0.63
N LEU A 783 -15.83 22.70 0.99
CA LEU A 783 -16.60 21.90 0.04
C LEU A 783 -16.99 22.73 -1.20
N GLU A 784 -17.41 23.97 -1.00
CA GLU A 784 -17.68 24.85 -2.13
C GLU A 784 -16.45 24.96 -3.03
N THR A 785 -15.27 25.08 -2.42
CA THR A 785 -14.05 25.18 -3.22
C THR A 785 -13.80 23.89 -3.99
N VAL A 786 -13.90 22.75 -3.30
CA VAL A 786 -13.69 21.45 -3.94
C VAL A 786 -14.67 21.27 -5.11
N ARG A 787 -15.95 21.55 -4.88
CA ARG A 787 -16.92 21.42 -5.96
CA ARG A 787 -16.91 21.40 -5.98
C ARG A 787 -16.53 22.28 -7.16
N GLY A 788 -16.13 23.53 -6.90
CA GLY A 788 -15.74 24.39 -7.99
C GLY A 788 -14.54 23.86 -8.76
N LEU A 789 -13.62 23.18 -8.06
CA LEU A 789 -12.43 22.63 -8.69
C LEU A 789 -12.73 21.46 -9.63
N LEU A 790 -13.95 20.92 -9.60
CA LEU A 790 -14.32 19.94 -10.63
C LEU A 790 -14.25 20.55 -12.03
N GLN A 791 -14.28 21.89 -12.12
CA GLN A 791 -14.18 22.59 -13.38
C GLN A 791 -12.79 23.18 -13.63
N HIS A 792 -11.84 22.88 -12.76
CA HIS A 792 -10.52 23.45 -12.89
C HIS A 792 -9.82 22.93 -14.13
N ARG A 793 -9.01 23.81 -14.74
CA ARG A 793 -8.25 23.48 -15.95
C ARG A 793 -7.38 22.24 -15.79
N SER A 794 -6.90 21.94 -14.58
CA SER A 794 -6.00 20.82 -14.36
C SER A 794 -6.73 19.57 -13.86
N PHE A 795 -8.05 19.63 -13.67
CA PHE A 795 -8.80 18.50 -13.17
C PHE A 795 -9.55 17.80 -14.29
N THR A 796 -9.64 16.46 -14.22
CA THR A 796 -10.57 15.74 -15.08
C THR A 796 -10.98 14.43 -14.43
N MET A 797 -12.27 14.09 -14.60
CA MET A 797 -12.79 12.81 -14.11
C MET A 797 -12.25 11.64 -14.94
N SER A 798 -11.57 11.90 -16.05
CA SER A 798 -11.00 10.81 -16.82
C SER A 798 -9.67 10.32 -16.27
N ASN A 799 -9.13 10.97 -15.25
CA ASN A 799 -7.79 10.63 -14.77
C ASN A 799 -7.84 10.20 -13.31
N PRO A 800 -7.52 8.95 -13.01
CA PRO A 800 -7.58 8.47 -11.62
C PRO A 800 -6.75 9.27 -10.64
N ASN A 801 -5.58 9.77 -11.05
CA ASN A 801 -4.78 10.54 -10.12
CA ASN A 801 -4.77 10.56 -10.14
C ASN A 801 -5.48 11.83 -9.72
N ARG A 802 -6.10 12.52 -10.69
CA ARG A 802 -6.81 13.75 -10.36
C ARG A 802 -7.97 13.45 -9.44
N ILE A 803 -8.71 12.39 -9.74
CA ILE A 803 -9.85 12.00 -8.90
C ILE A 803 -9.39 11.77 -7.47
N ARG A 804 -8.32 10.99 -7.29
CA ARG A 804 -7.87 10.65 -5.95
CA ARG A 804 -7.87 10.66 -5.95
C ARG A 804 -7.37 11.88 -5.20
N SER A 805 -6.73 12.81 -5.91
CA SER A 805 -6.11 13.97 -5.29
CA SER A 805 -6.11 13.96 -5.26
C SER A 805 -7.13 15.01 -4.85
N LEU A 806 -8.27 15.10 -5.54
CA LEU A 806 -9.30 16.06 -5.17
C LEU A 806 -10.44 15.43 -4.38
N ILE A 807 -11.10 14.43 -4.97
CA ILE A 807 -12.28 13.84 -4.36
C ILE A 807 -11.88 12.86 -3.27
N GLY A 808 -10.92 11.98 -3.57
CA GLY A 808 -10.50 11.01 -2.58
C GLY A 808 -9.88 11.67 -1.36
N ALA A 809 -9.07 12.70 -1.57
CA ALA A 809 -8.47 13.38 -0.44
C ALA A 809 -9.52 14.07 0.43
N PHE A 810 -10.55 14.63 -0.19
CA PHE A 810 -11.62 15.26 0.57
C PHE A 810 -12.31 14.22 1.46
N ALA A 811 -12.73 13.12 0.87
CA ALA A 811 -13.54 12.15 1.61
C ALA A 811 -12.72 11.38 2.63
N GLY A 812 -11.48 11.02 2.28
CA GLY A 812 -10.66 10.19 3.13
C GLY A 812 -9.70 10.92 4.05
N SER A 813 -9.25 12.12 3.65
CA SER A 813 -8.23 12.84 4.40
C SER A 813 -8.75 14.13 5.01
N ASN A 814 -10.01 14.49 4.78
CA ASN A 814 -10.65 15.61 5.47
C ASN A 814 -11.92 15.09 6.12
N PRO A 815 -11.82 14.12 7.03
CA PRO A 815 -13.04 13.61 7.65
C PRO A 815 -13.87 14.67 8.35
N ALA A 816 -13.24 15.74 8.87
CA ALA A 816 -14.06 16.77 9.52
C ALA A 816 -15.03 17.44 8.53
N ALA A 817 -14.59 17.71 7.30
CA ALA A 817 -15.48 18.30 6.30
C ALA A 817 -16.34 17.25 5.63
N PHE A 818 -15.77 16.07 5.36
CA PHE A 818 -16.59 14.99 4.80
C PHE A 818 -17.76 14.67 5.71
N HIS A 819 -17.53 14.70 7.01
CA HIS A 819 -18.53 14.41 8.02
C HIS A 819 -19.19 15.68 8.57
N ALA A 820 -19.25 16.73 7.76
CA ALA A 820 -19.99 17.91 8.16
C ALA A 820 -21.39 17.50 8.62
N GLU A 821 -21.87 18.14 9.69
CA GLU A 821 -23.13 17.74 10.33
CA GLU A 821 -23.11 17.65 10.29
C GLU A 821 -24.32 17.85 9.39
N ASP A 822 -24.25 18.74 8.40
CA ASP A 822 -25.35 18.92 7.45
C ASP A 822 -25.44 17.81 6.41
N GLY A 823 -24.49 16.88 6.42
CA GLY A 823 -24.49 15.77 5.48
C GLY A 823 -24.02 16.12 4.09
N SER A 824 -23.52 17.35 3.89
CA SER A 824 -23.14 17.79 2.55
C SER A 824 -22.00 16.96 1.98
N GLY A 825 -21.08 16.48 2.82
CA GLY A 825 -19.98 15.69 2.32
C GLY A 825 -20.43 14.36 1.73
N TYR A 826 -21.43 13.74 2.36
CA TYR A 826 -21.95 12.47 1.86
C TYR A 826 -22.66 12.69 0.52
N LEU A 827 -23.44 13.77 0.41
CA LEU A 827 -24.15 14.02 -0.84
C LEU A 827 -23.18 14.27 -1.99
N PHE A 828 -22.09 14.98 -1.71
CA PHE A 828 -21.06 15.21 -2.72
C PHE A 828 -20.46 13.89 -3.20
N LEU A 829 -20.08 13.02 -2.25
CA LEU A 829 -19.49 11.75 -2.62
C LEU A 829 -20.48 10.90 -3.42
N VAL A 830 -21.77 10.89 -3.04
CA VAL A 830 -22.75 10.15 -3.83
C VAL A 830 -22.78 10.63 -5.27
N GLU A 831 -22.75 11.95 -5.49
CA GLU A 831 -22.72 12.46 -6.86
CA GLU A 831 -22.73 12.46 -6.86
C GLU A 831 -21.51 11.94 -7.61
N MET A 832 -20.34 11.99 -6.98
CA MET A 832 -19.14 11.56 -7.67
C MET A 832 -19.17 10.08 -7.96
N LEU A 833 -19.67 9.28 -6.99
CA LEU A 833 -19.70 7.83 -7.18
C LEU A 833 -20.75 7.42 -8.19
N THR A 834 -21.80 8.22 -8.36
CA THR A 834 -22.79 7.91 -9.39
C THR A 834 -22.13 7.97 -10.77
N ASP A 835 -21.24 8.94 -10.99
CA ASP A 835 -20.45 9.00 -12.21
C ASP A 835 -19.47 7.83 -12.28
N LEU A 836 -18.66 7.67 -11.23
CA LEU A 836 -17.54 6.74 -11.33
C LEU A 836 -17.98 5.29 -11.33
N ASN A 837 -19.14 4.98 -10.74
CA ASN A 837 -19.65 3.62 -10.83
C ASN A 837 -19.73 3.16 -12.27
N SER A 838 -20.14 4.05 -13.19
CA SER A 838 -20.21 3.69 -14.60
C SER A 838 -18.87 3.86 -15.31
N ARG A 839 -18.14 4.91 -14.97
CA ARG A 839 -16.91 5.24 -15.71
C ARG A 839 -15.75 4.32 -15.33
N ASN A 840 -15.52 4.12 -14.04
CA ASN A 840 -14.29 3.49 -13.57
C ASN A 840 -14.59 2.90 -12.20
N PRO A 841 -15.19 1.72 -12.17
CA PRO A 841 -15.64 1.14 -10.89
C PRO A 841 -14.51 0.91 -9.90
N GLN A 842 -13.29 0.61 -10.36
CA GLN A 842 -12.19 0.40 -9.42
CA GLN A 842 -12.21 0.40 -9.41
C GLN A 842 -11.90 1.67 -8.63
N VAL A 843 -11.88 2.82 -9.32
CA VAL A 843 -11.65 4.08 -8.59
C VAL A 843 -12.85 4.38 -7.71
N ALA A 844 -14.07 4.11 -8.19
CA ALA A 844 -15.26 4.32 -7.37
C ALA A 844 -15.17 3.52 -6.08
N SER A 845 -14.71 2.27 -6.16
CA SER A 845 -14.65 1.41 -4.98
C SER A 845 -13.60 1.90 -3.98
N ARG A 846 -12.49 2.45 -4.45
CA ARG A 846 -11.56 3.07 -3.50
C ARG A 846 -12.20 4.26 -2.81
N LEU A 847 -12.98 5.05 -3.56
CA LEU A 847 -13.55 6.28 -3.02
CA LEU A 847 -13.57 6.28 -3.05
C LEU A 847 -14.73 6.05 -2.10
N ILE A 848 -15.38 4.88 -2.15
CA ILE A 848 -16.53 4.66 -1.28
C ILE A 848 -16.12 4.30 0.13
N GLU A 849 -14.85 3.95 0.35
CA GLU A 849 -14.43 3.44 1.64
C GLU A 849 -14.84 4.33 2.82
N PRO A 850 -14.72 5.66 2.75
CA PRO A 850 -15.13 6.45 3.91
C PRO A 850 -16.58 6.26 4.32
N LEU A 851 -17.48 5.96 3.38
CA LEU A 851 -18.88 5.77 3.74
C LEU A 851 -19.14 4.44 4.41
N ILE A 852 -18.32 3.42 4.16
N ILE A 852 -18.28 3.44 4.14
CA ILE A 852 -18.64 2.13 4.76
CA ILE A 852 -18.43 2.09 4.67
C ILE A 852 -18.16 2.03 6.21
C ILE A 852 -18.21 2.07 6.19
N ARG A 853 -17.57 3.11 6.73
CA ARG A 853 -17.16 3.18 8.12
C ARG A 853 -18.25 3.76 9.02
N LEU A 854 -19.50 3.79 8.54
CA LEU A 854 -20.55 4.53 9.23
CA LEU A 854 -20.55 4.53 9.23
C LEU A 854 -20.77 4.09 10.68
N LYS A 855 -20.59 2.80 11.00
CA LYS A 855 -20.89 2.38 12.37
C LYS A 855 -19.90 2.91 13.41
N ARG A 856 -18.81 3.52 12.97
N ARG A 856 -18.80 3.53 12.98
CA ARG A 856 -17.86 4.19 13.86
CA ARG A 856 -17.89 4.18 13.90
C ARG A 856 -18.29 5.60 14.23
C ARG A 856 -18.36 5.56 14.35
N TYR A 857 -19.42 6.08 13.73
CA TYR A 857 -19.87 7.46 13.93
C TYR A 857 -21.16 7.50 14.74
N ASP A 858 -21.51 8.69 15.17
CA ASP A 858 -22.71 8.90 15.98
C ASP A 858 -23.96 8.60 15.15
N ALA A 859 -25.08 8.48 15.87
CA ALA A 859 -26.30 7.96 15.23
C ALA A 859 -26.80 8.87 14.11
N LYS A 860 -26.73 10.18 14.30
CA LYS A 860 -27.21 11.09 13.26
CA LYS A 860 -27.23 11.08 13.26
C LYS A 860 -26.38 10.96 11.99
N ARG A 861 -25.06 10.85 12.14
CA ARG A 861 -24.22 10.64 10.98
C ARG A 861 -24.48 9.28 10.35
N GLN A 862 -24.67 8.24 11.16
CA GLN A 862 -24.97 6.91 10.59
C GLN A 862 -26.20 6.96 9.72
N GLU A 863 -27.24 7.66 10.18
CA GLU A 863 -28.49 7.73 9.43
C GLU A 863 -28.23 8.35 8.05
N LYS A 864 -27.46 9.43 8.00
CA LYS A 864 -27.19 10.09 6.73
CA LYS A 864 -27.20 10.08 6.73
C LYS A 864 -26.30 9.23 5.85
N MET A 865 -25.34 8.55 6.44
CA MET A 865 -24.45 7.70 5.64
C MET A 865 -25.20 6.48 5.10
N ARG A 866 -26.10 5.90 5.91
CA ARG A 866 -26.93 4.82 5.42
C ARG A 866 -27.80 5.28 4.25
N ALA A 867 -28.40 6.46 4.36
CA ALA A 867 -29.22 6.98 3.28
C ALA A 867 -28.40 7.13 1.99
N ALA A 868 -27.16 7.59 2.13
CA ALA A 868 -26.28 7.72 0.97
C ALA A 868 -26.01 6.36 0.35
N LEU A 869 -25.69 5.37 1.17
CA LEU A 869 -25.42 4.03 0.68
C LEU A 869 -26.65 3.40 0.04
N GLU A 870 -27.84 3.65 0.60
CA GLU A 870 -29.05 3.11 -0.01
CA GLU A 870 -29.07 3.14 0.00
C GLU A 870 -29.32 3.77 -1.36
N GLN A 871 -28.99 5.05 -1.53
CA GLN A 871 -29.11 5.65 -2.86
CA GLN A 871 -29.10 5.67 -2.85
CA GLN A 871 -29.07 5.68 -2.84
C GLN A 871 -28.18 4.95 -3.84
N LEU A 872 -26.95 4.70 -3.43
CA LEU A 872 -26.01 4.02 -4.31
C LEU A 872 -26.47 2.61 -4.60
N LYS A 873 -27.01 1.92 -3.58
CA LYS A 873 -27.49 0.55 -3.79
C LYS A 873 -28.52 0.49 -4.90
N GLY A 874 -29.28 1.55 -5.07
CA GLY A 874 -30.33 1.59 -6.08
C GLY A 874 -29.92 2.04 -7.46
N LEU A 875 -28.63 2.31 -7.69
CA LEU A 875 -28.21 2.75 -9.01
C LEU A 875 -28.48 1.70 -10.06
N GLU A 876 -28.92 2.16 -11.23
CA GLU A 876 -28.91 1.33 -12.40
CA GLU A 876 -28.92 1.30 -12.39
C GLU A 876 -27.48 0.92 -12.71
N ASN A 877 -27.31 -0.34 -13.10
CA ASN A 877 -26.00 -0.85 -13.49
C ASN A 877 -24.97 -0.66 -12.39
N LEU A 878 -25.37 -0.98 -11.17
CA LEU A 878 -24.43 -0.94 -10.05
C LEU A 878 -23.30 -1.94 -10.28
N SER A 879 -22.07 -1.47 -10.18
CA SER A 879 -20.94 -2.34 -10.39
C SER A 879 -20.83 -3.36 -9.25
N GLY A 880 -20.28 -4.52 -9.57
CA GLY A 880 -19.98 -5.51 -8.54
C GLY A 880 -19.03 -4.96 -7.49
N ASP A 881 -18.08 -4.12 -7.94
CA ASP A 881 -17.12 -3.52 -7.03
C ASP A 881 -17.84 -2.78 -5.89
N LEU A 882 -18.79 -1.92 -6.23
CA LEU A 882 -19.51 -1.18 -5.19
C LEU A 882 -20.54 -2.05 -4.48
N TYR A 883 -21.21 -2.95 -5.22
CA TYR A 883 -22.20 -3.84 -4.60
C TYR A 883 -21.62 -4.56 -3.41
N GLU A 884 -20.41 -5.09 -3.56
CA GLU A 884 -19.82 -5.87 -2.47
C GLU A 884 -19.67 -5.02 -1.22
N LYS A 885 -19.15 -3.81 -1.38
CA LYS A 885 -18.92 -2.95 -0.22
C LYS A 885 -20.21 -2.41 0.37
N ILE A 886 -21.14 -1.99 -0.49
CA ILE A 886 -22.42 -1.45 -0.02
C ILE A 886 -23.16 -2.51 0.78
N THR A 887 -23.22 -3.74 0.27
CA THR A 887 -23.94 -4.81 0.95
C THR A 887 -23.37 -5.04 2.34
N LYS A 888 -22.05 -5.10 2.45
CA LYS A 888 -21.46 -5.31 3.77
C LYS A 888 -21.75 -4.14 4.70
N ALA A 889 -21.68 -2.89 4.17
CA ALA A 889 -21.88 -1.71 5.01
C ALA A 889 -23.32 -1.58 5.52
N LEU A 890 -24.29 -2.01 4.72
CA LEU A 890 -25.68 -1.88 5.10
C LEU A 890 -26.20 -3.06 5.91
N ALA A 891 -25.40 -4.09 6.09
CA ALA A 891 -25.82 -5.21 6.89
C ALA A 891 -25.90 -4.83 8.38
ZN ZN B . 2.75 -5.90 -5.43
C1 7MK C . -0.17 -1.90 -5.04
C10 7MK C . -1.24 -4.87 -8.13
C11 7MK C . 0.26 -5.00 -8.37
C2 7MK C . -2.55 -1.90 -4.75
C3 7MK C . -1.28 -1.63 -4.27
C4 7MK C . -0.31 -2.45 -6.31
C5 7MK C . -1.58 -2.74 -6.80
C6 7MK C . -2.69 -2.45 -6.02
C7 7MK C . 0.92 -2.76 -7.15
C8 7MK C . -1.74 -3.42 -8.14
C9 7MK C . 1.21 -4.23 -7.37
N1 7MK C . 0.66 -6.44 -8.40
O1 7MK C . 2.53 -4.41 -7.83
O2 7MK C . 1.22 -4.99 -6.19
H1 7MK C . 0.82 -1.67 -4.65
H9 7MK C . -1.79 -5.45 -8.86
H10 7MK C . -1.50 -5.37 -7.19
H11 7MK C . 0.48 -4.65 -9.38
H2 7MK C . -3.42 -1.70 -4.14
H3 7MK C . -1.17 -1.19 -3.27
H4 7MK C . -3.69 -2.64 -6.40
H6 7MK C . 0.81 -2.24 -8.10
H5 7MK C . 1.79 -2.29 -6.71
H8 7MK C . -2.79 -3.38 -8.40
H7 7MK C . -1.24 -2.86 -8.93
H15 7MK C . 0.04 -7.01 -7.82
H16 7MK C . 1.60 -6.54 -8.04
H12 7MK C . 3.14 -3.71 -7.48
H13 7MK C . 1.65 -4.48 -5.46
H14 7MK C . 0.61 -6.80 -9.34
C1 GOL D . -10.99 5.47 4.41
O1 GOL D . -10.51 5.66 3.11
C2 GOL D . -11.02 6.80 5.14
O2 GOL D . -11.96 6.76 6.20
C3 GOL D . -9.64 7.14 5.69
O3 GOL D . -8.65 6.94 4.71
H11 GOL D . -10.36 4.77 4.95
H12 GOL D . -12.00 5.05 4.38
HO1 GOL D . -10.42 4.79 2.67
H2 GOL D . -11.31 7.58 4.43
HO2 GOL D . -11.69 6.08 6.85
H31 GOL D . -9.43 6.51 6.56
H32 GOL D . -9.63 8.18 6.02
HO3 GOL D . -7.78 7.21 5.07
C1 GOL E . 19.38 5.71 -2.51
O1 GOL E . 18.40 5.64 -1.48
C2 GOL E . 20.42 6.77 -2.14
O2 GOL E . 21.64 6.37 -2.69
C3 GOL E . 20.01 8.14 -2.66
O3 GOL E . 21.01 9.08 -2.31
H11 GOL E . 18.90 5.99 -3.45
H12 GOL E . 19.86 4.75 -2.63
HO1 GOL E . 17.70 5.01 -1.75
H2 GOL E . 20.50 6.82 -1.06
HO2 GOL E . 21.56 6.34 -3.67
H31 GOL E . 19.06 8.45 -2.24
H32 GOL E . 19.90 8.11 -3.75
HO3 GOL E . 20.68 9.99 -2.45
C1 GOL F . 7.42 28.07 -5.90
C1 GOL F . 9.15 27.69 -5.72
O1 GOL F . 7.29 28.92 -7.00
O1 GOL F . 9.72 28.89 -5.19
C2 GOL F . 6.50 26.87 -6.07
C2 GOL F . 7.63 27.84 -5.90
O2 GOL F . 5.45 27.18 -6.96
O2 GOL F . 7.34 28.77 -6.93
C3 GOL F . 7.30 25.70 -6.60
C3 GOL F . 6.98 26.52 -6.28
O3 GOL F . 7.89 26.07 -7.82
O3 GOL F . 7.47 26.03 -7.50
H11 GOL F . 7.16 28.60 -4.98
H11 GOL F . 9.35 26.86 -5.06
H12 GOL F . 8.45 27.73 -5.81
H12 GOL F . 9.61 27.48 -6.69
HO1 GOL F . 7.83 29.73 -6.87
HO1 GOL F . 10.67 28.75 -5.03
H2 GOL F . 6.08 26.61 -5.10
H2 GOL F . 7.21 28.19 -4.97
HO2 GOL F . 5.83 27.41 -7.84
HO2 GOL F . 7.68 28.43 -7.78
H31 GOL F . 6.64 24.84 -6.75
H31 GOL F . 5.89 26.66 -6.36
H32 GOL F . 8.07 25.42 -5.88
H32 GOL F . 7.15 25.79 -5.49
HO3 GOL F . 8.59 25.42 -8.06
HO3 GOL F . 8.09 25.28 -7.32
C1 GOL G . 27.24 15.48 -3.48
O1 GOL G . 25.96 15.99 -3.35
C2 GOL G . 27.81 15.09 -2.12
O2 GOL G . 26.79 14.48 -1.36
C3 GOL G . 28.95 14.10 -2.28
O3 GOL G . 29.01 13.19 -1.20
H11 GOL G . 27.89 16.23 -3.94
H12 GOL G . 27.23 14.61 -4.13
HO1 GOL G . 25.63 16.29 -4.23
H2 GOL G . 28.18 15.98 -1.62
HO2 GOL G . 26.49 13.67 -1.81
H31 GOL G . 29.89 14.65 -2.34
H32 GOL G . 28.82 13.55 -3.21
HO3 GOL G . 29.48 12.38 -1.49
C1 GOL H . -16.60 -4.44 -29.57
O1 GOL H . -15.26 -4.24 -29.97
C2 GOL H . -16.66 -5.37 -28.35
O2 GOL H . -15.77 -4.92 -27.35
C3 GOL H . -18.09 -5.35 -27.81
O3 GOL H . -18.37 -6.56 -27.14
H11 GOL H . -17.16 -4.88 -30.39
H12 GOL H . -17.05 -3.48 -29.32
HO1 GOL H . -15.23 -3.70 -30.79
H2 GOL H . -16.41 -6.38 -28.65
HO2 GOL H . -16.01 -4.01 -27.07
H31 GOL H . -18.79 -5.21 -28.63
H32 GOL H . -18.22 -4.51 -27.12
HO3 GOL H . -18.69 -6.37 -26.24
C1 GOL I . -10.98 -14.72 23.33
O1 GOL I . -11.80 -13.69 23.84
C2 GOL I . -10.91 -14.67 21.80
O2 GOL I . -10.98 -13.32 21.36
C3 GOL I . -9.60 -15.21 21.30
O3 GOL I . -8.82 -14.16 20.81
H11 GOL I . -11.36 -15.69 23.64
H12 GOL I . -9.96 -14.62 23.74
HO1 GOL I . -11.88 -13.79 24.82
H2 GOL I . -11.74 -15.24 21.39
HO2 GOL I . -10.21 -12.83 21.71
H31 GOL I . -9.78 -15.94 20.51
H32 GOL I . -9.08 -15.73 22.12
HO3 GOL I . -7.96 -14.51 20.49
C1 GOL J . -24.56 -20.50 -30.58
O1 GOL J . -24.35 -21.34 -29.47
C2 GOL J . -23.49 -20.79 -31.64
O2 GOL J . -23.06 -22.12 -31.58
C3 GOL J . -24.03 -20.44 -33.01
O3 GOL J . -24.13 -19.04 -33.10
H11 GOL J . -24.51 -19.47 -30.28
H12 GOL J . -25.55 -20.69 -31.00
HO1 GOL J . -25.01 -21.11 -28.76
H2 GOL J . -22.66 -20.13 -31.43
HO2 GOL J . -23.79 -22.73 -31.80
H31 GOL J . -25.00 -20.89 -33.17
H32 GOL J . -23.34 -20.82 -33.78
HO3 GOL J . -24.77 -18.80 -33.82
C1 GOL K . -20.12 -12.78 12.20
O1 GOL K . -20.87 -11.60 12.14
C2 GOL K . -20.48 -13.67 11.03
O2 GOL K . -19.83 -14.92 11.19
C3 GOL K . -21.98 -13.85 11.02
O3 GOL K . -22.33 -14.76 12.03
H11 GOL K . -20.34 -13.30 13.13
H12 GOL K . -19.06 -12.55 12.19
HO1 GOL K . -20.68 -11.06 12.95
H2 GOL K . -20.16 -13.19 10.10
HO2 GOL K . -20.11 -15.32 12.03
H31 GOL K . -22.31 -14.22 10.05
H32 GOL K . -22.47 -12.88 11.19
HO3 GOL K . -23.25 -14.59 12.32
C1 GOL L . 1.17 -2.96 -7.24
O1 GOL L . 2.30 -2.41 -6.58
C2 GOL L . 1.35 -4.47 -7.34
O2 GOL L . 1.23 -5.06 -6.07
C3 GOL L . 0.31 -5.06 -8.30
O3 GOL L . 0.45 -6.45 -8.31
H11 GOL L . 1.10 -2.53 -8.24
H31 GOL L . 0.48 -4.66 -9.30
C1 GOL M . -10.30 2.05 20.32
O1 GOL M . -9.61 1.49 21.42
C2 GOL M . -10.95 0.92 19.52
O2 GOL M . -11.98 0.35 20.29
C3 GOL M . -11.56 1.46 18.25
O3 GOL M . -10.61 2.29 17.64
H11 GOL M . -11.06 2.74 20.67
H12 GOL M . -9.60 2.60 19.68
HO1 GOL M . -9.13 2.20 21.90
H2 GOL M . -10.20 0.17 19.27
HO2 GOL M . -12.65 1.03 20.49
H31 GOL M . -11.82 0.63 17.58
H32 GOL M . -12.46 2.03 18.48
HO3 GOL M . -9.83 1.75 17.38
NA NA N . 19.44 2.09 6.56
NA NA O . -10.88 20.31 -16.34
NA NA P . 16.87 -9.98 21.45
NA NA Q . 0.98 -4.00 38.36
NA NA R . -15.05 -9.78 -10.99
NA NA S . -3.19 -29.20 -33.14
NA NA T . 3.14 -0.56 35.69
NA NA U . -7.37 -3.79 -9.95
C1 MLI V . 2.32 1.11 -4.84
C2 MLI V . 2.96 -0.16 -4.29
C3 MLI V . 1.56 1.80 -3.75
O6 MLI V . 2.73 -0.51 -3.11
O7 MLI V . 3.69 -0.80 -5.06
O8 MLI V . 0.64 1.18 -3.16
O9 MLI V . 1.89 2.97 -3.45
H11 MLI V . 3.09 1.77 -5.24
H12 MLI V . 1.64 0.84 -5.66
C1 MLI W . -2.60 -1.63 -0.69
C2 MLI W . -3.60 -0.61 -1.14
C3 MLI W . -1.49 -0.89 -0.01
O6 MLI W . -4.53 -0.28 -0.39
O7 MLI W . -3.44 -0.09 -2.27
O8 MLI W . -1.80 -0.18 0.95
O9 MLI W . -0.31 -0.98 -0.45
H11 MLI W . -3.07 -2.33 0.01
H12 MLI W . -2.22 -2.19 -1.54
C1 MLI X . -12.09 -14.14 -6.62
C2 MLI X . -11.85 -14.15 -8.10
C3 MLI X . -11.00 -14.94 -5.98
O6 MLI X . -11.05 -14.97 -8.56
O7 MLI X . -12.48 -13.36 -8.80
O8 MLI X . -10.76 -16.02 -6.53
O9 MLI X . -10.41 -14.49 -4.95
H11 MLI X . -13.06 -14.58 -6.38
H12 MLI X . -12.08 -13.11 -6.24
C1 MLI Y . -8.05 -3.41 -36.51
C2 MLI Y . -7.66 -2.00 -36.81
C3 MLI Y . -8.68 -3.98 -37.76
O6 MLI Y . -8.56 -1.11 -36.79
O7 MLI Y . -6.48 -1.75 -37.10
O8 MLI Y . -9.93 -3.93 -37.88
O9 MLI Y . -7.94 -4.48 -38.65
H11 MLI Y . -7.17 -3.99 -36.24
H12 MLI Y . -8.76 -3.45 -35.68
S DMS Z . 14.87 -14.75 17.72
O DMS Z . 16.00 -15.13 18.62
C1 DMS Z . 15.13 -15.63 16.16
C2 DMS Z . 13.27 -15.43 18.26
H11 DMS Z . 16.01 -15.27 15.69
H12 DMS Z . 14.30 -15.47 15.52
H13 DMS Z . 15.22 -16.67 16.35
H21 DMS Z . 13.36 -16.49 18.36
H22 DMS Z . 13.00 -15.01 19.19
H23 DMS Z . 12.53 -15.20 17.54
S DMS AA . 12.17 -7.80 17.47
O DMS AA . 13.28 -8.74 17.13
C1 DMS AA . 12.76 -6.26 18.22
C2 DMS AA . 11.49 -7.25 15.88
H11 DMS AA . 13.21 -6.48 19.15
H12 DMS AA . 13.47 -5.82 17.59
H13 DMS AA . 11.95 -5.61 18.36
H21 DMS AA . 12.26 -6.84 15.29
H22 DMS AA . 10.74 -6.51 16.05
H23 DMS AA . 11.05 -8.08 15.37
CL CL BA . 5.28 9.61 -19.05
CL CL CA . 17.71 2.71 16.47
CL CL DA . -8.44 3.89 -34.44
#